data_2HK0
#
_entry.id   2HK0
#
_cell.length_a   102.400
_cell.length_b   113.000
_cell.length_c   131.800
_cell.angle_alpha   90.000
_cell.angle_beta   90.000
_cell.angle_gamma   90.000
#
_symmetry.space_group_name_H-M   'P 21 21 21'
#
loop_
_entity.id
_entity.type
_entity.pdbx_description
1 polymer 'D-PSICOSE 3-EPIMERASE'
2 water water
#
_entity_poly.entity_id   1
_entity_poly.type   'polypeptide(L)'
_entity_poly.pdbx_seq_one_letter_code
;(MSE)GSSHHHHHSSGENLYFQGH(MSE)KHGIYYSYWEHEWSAKFGPYIEKVAKLGFDIIEVAAHHINEYSDAELATIR
KSAKDNGIILTAGIGPSKTKNLSSEDAAVRAAGKAFFERTLSNVAKLDIHTIGGALHSYWPIDYSQPVDKAGDYARGVEG
INGIADFANDLGINLCIEVLNRFENHVLNTAAEGVAFVKDVGKNNVKV(MSE)LDTFH(MSE)NIEEDSFGDAIRTAGPL
LGHFHTGESNRRVPGKGR(MSE)PWHEIGLALRDINYTGAVI(MSE)EPFVKTGGTIGSDIKVWRDLSGGADIAK(MSE)
DEDARNALAFSRFVLGG
;
_entity_poly.pdbx_strand_id   A,B,C,D
#
# COMPACT_ATOMS: atom_id res chain seq x y z
N LYS A 22 -10.27 10.24 -20.99
CA LYS A 22 -10.63 9.15 -21.92
C LYS A 22 -9.75 7.92 -21.76
N HIS A 23 -10.33 6.76 -22.03
CA HIS A 23 -9.62 5.52 -21.89
C HIS A 23 -9.39 4.77 -23.21
N GLY A 24 -8.19 4.24 -23.36
CA GLY A 24 -7.86 3.50 -24.57
C GLY A 24 -6.99 2.30 -24.27
N ILE A 25 -6.62 1.58 -25.33
CA ILE A 25 -5.76 0.41 -25.20
C ILE A 25 -4.88 0.32 -26.44
N TYR A 26 -3.65 -0.15 -26.26
CA TYR A 26 -2.71 -0.33 -27.37
C TYR A 26 -3.12 -1.66 -28.04
N TYR A 27 -3.52 -1.62 -29.31
CA TYR A 27 -3.99 -2.84 -30.00
C TYR A 27 -3.03 -4.04 -30.03
N SER A 28 -1.73 -3.81 -29.93
CA SER A 28 -0.75 -4.90 -29.93
C SER A 28 -0.94 -5.91 -28.78
N TYR A 29 -1.82 -5.57 -27.85
CA TYR A 29 -2.16 -6.44 -26.73
C TYR A 29 -2.62 -7.80 -27.29
N TRP A 30 -3.31 -7.76 -28.42
CA TRP A 30 -3.86 -8.96 -29.07
C TRP A 30 -2.92 -9.62 -30.10
N GLU A 31 -1.72 -9.08 -30.31
CA GLU A 31 -0.82 -9.66 -31.30
C GLU A 31 0.51 -10.16 -30.76
N HIS A 32 1.30 -10.78 -31.64
CA HIS A 32 2.62 -11.30 -31.29
C HIS A 32 3.69 -10.64 -32.14
N GLU A 33 3.25 -9.97 -33.19
CA GLU A 33 4.17 -9.29 -34.11
C GLU A 33 3.79 -7.81 -34.24
N TRP A 34 4.78 -6.92 -34.32
CA TRP A 34 4.50 -5.50 -34.46
C TRP A 34 3.93 -5.24 -35.87
N SER A 35 4.17 -6.17 -36.78
CA SER A 35 3.72 -6.06 -38.16
C SER A 35 2.21 -6.27 -38.36
N ALA A 36 1.53 -6.80 -37.36
CA ALA A 36 0.09 -7.01 -37.49
C ALA A 36 -0.63 -5.67 -37.71
N LYS A 37 -1.47 -5.59 -38.73
CA LYS A 37 -2.20 -4.35 -39.04
C LYS A 37 -3.27 -4.03 -38.00
N PHE A 38 -3.45 -2.76 -37.72
CA PHE A 38 -4.42 -2.31 -36.71
C PHE A 38 -5.84 -2.06 -37.25
N GLY A 39 -5.97 -2.01 -38.57
CA GLY A 39 -7.27 -1.75 -39.18
C GLY A 39 -8.48 -2.42 -38.54
N PRO A 40 -8.51 -3.77 -38.46
CA PRO A 40 -9.63 -4.51 -37.88
C PRO A 40 -9.86 -4.20 -36.40
N TYR A 41 -8.82 -3.74 -35.72
CA TYR A 41 -8.94 -3.43 -34.31
C TYR A 41 -9.76 -2.18 -33.99
N ILE A 42 -9.87 -1.27 -34.97
CA ILE A 42 -10.65 -0.06 -34.76
C ILE A 42 -12.05 -0.42 -34.26
N GLU A 43 -12.73 -1.23 -35.06
CA GLU A 43 -14.09 -1.67 -34.75
C GLU A 43 -14.15 -2.55 -33.50
N LYS A 44 -13.19 -3.45 -33.36
CA LYS A 44 -13.18 -4.35 -32.21
C LYS A 44 -13.01 -3.60 -30.90
N VAL A 45 -12.00 -2.72 -30.85
CA VAL A 45 -11.73 -1.95 -29.64
C VAL A 45 -12.93 -1.04 -29.32
N ALA A 46 -13.53 -0.44 -30.35
CA ALA A 46 -14.69 0.42 -30.11
C ALA A 46 -15.81 -0.42 -29.50
N LYS A 47 -16.02 -1.62 -30.04
CA LYS A 47 -17.08 -2.48 -29.54
C LYS A 47 -16.86 -2.88 -28.09
N LEU A 48 -15.60 -2.93 -27.65
CA LEU A 48 -15.32 -3.30 -26.27
C LEU A 48 -15.58 -2.12 -25.34
N GLY A 49 -15.90 -0.95 -25.89
CA GLY A 49 -16.21 0.17 -25.02
C GLY A 49 -15.16 1.25 -24.82
N PHE A 50 -13.97 1.07 -25.39
CA PHE A 50 -12.92 2.07 -25.25
C PHE A 50 -13.23 3.36 -26.04
N ASP A 51 -12.77 4.48 -25.50
CA ASP A 51 -12.94 5.78 -26.17
C ASP A 51 -11.83 5.93 -27.21
N ILE A 52 -10.71 5.26 -26.98
CA ILE A 52 -9.54 5.39 -27.84
C ILE A 52 -8.81 4.08 -28.15
N ILE A 53 -8.19 4.02 -29.32
CA ILE A 53 -7.37 2.87 -29.68
C ILE A 53 -6.02 3.52 -30.02
N GLU A 54 -4.95 3.03 -29.42
CA GLU A 54 -3.64 3.57 -29.71
C GLU A 54 -2.98 2.66 -30.69
N VAL A 55 -2.38 3.26 -31.70
CA VAL A 55 -1.74 2.58 -32.80
C VAL A 55 -0.25 2.93 -32.94
N ALA A 56 0.50 2.12 -33.70
CA ALA A 56 1.92 2.37 -33.94
C ALA A 56 2.10 3.19 -35.22
N ALA A 57 2.81 4.31 -35.12
CA ALA A 57 3.02 5.20 -36.25
C ALA A 57 3.66 4.60 -37.50
N HIS A 58 4.63 3.70 -37.34
CA HIS A 58 5.29 3.11 -38.50
C HIS A 58 4.32 2.45 -39.48
N HIS A 59 3.29 1.80 -38.94
CA HIS A 59 2.27 1.16 -39.77
C HIS A 59 1.63 2.20 -40.67
N ILE A 60 1.37 3.37 -40.09
CA ILE A 60 0.73 4.47 -40.78
C ILE A 60 1.48 4.96 -42.03
N ASN A 61 2.81 4.94 -41.99
CA ASN A 61 3.60 5.40 -43.13
C ASN A 61 3.55 4.48 -44.34
N GLU A 62 2.96 3.30 -44.19
CA GLU A 62 2.89 2.36 -45.29
C GLU A 62 1.57 2.31 -46.03
N TYR A 63 0.54 2.93 -45.44
CA TYR A 63 -0.77 2.96 -46.05
C TYR A 63 -0.87 4.04 -47.11
N SER A 64 -1.67 3.78 -48.14
CA SER A 64 -1.87 4.74 -49.21
C SER A 64 -2.82 5.79 -48.67
N ASP A 65 -2.82 6.96 -49.29
CA ASP A 65 -3.70 8.03 -48.84
C ASP A 65 -5.16 7.56 -48.87
N ALA A 66 -5.46 6.62 -49.75
CA ALA A 66 -6.83 6.09 -49.86
C ALA A 66 -7.14 5.19 -48.68
N GLU A 67 -6.15 4.41 -48.27
CA GLU A 67 -6.29 3.50 -47.15
C GLU A 67 -6.42 4.27 -45.84
N LEU A 68 -5.61 5.32 -45.69
CA LEU A 68 -5.66 6.15 -44.50
C LEU A 68 -7.08 6.69 -44.36
N ALA A 69 -7.63 7.21 -45.47
CA ALA A 69 -8.98 7.74 -45.47
C ALA A 69 -9.99 6.69 -45.01
N THR A 70 -9.82 5.46 -45.47
CA THR A 70 -10.73 4.39 -45.10
C THR A 70 -10.65 4.10 -43.60
N ILE A 71 -9.42 4.15 -43.08
CA ILE A 71 -9.18 3.92 -41.66
C ILE A 71 -9.81 5.06 -40.84
N ARG A 72 -9.60 6.29 -41.27
CA ARG A 72 -10.18 7.44 -40.56
C ARG A 72 -11.70 7.36 -40.55
N LYS A 73 -12.28 6.83 -41.63
CA LYS A 73 -13.72 6.71 -41.73
C LYS A 73 -14.22 5.61 -40.79
N SER A 74 -13.46 4.52 -40.71
CA SER A 74 -13.85 3.44 -39.82
C SER A 74 -13.89 3.94 -38.37
N ALA A 75 -12.86 4.71 -37.99
CA ALA A 75 -12.82 5.25 -36.64
C ALA A 75 -14.01 6.19 -36.43
N LYS A 76 -14.28 7.05 -37.40
CA LYS A 76 -15.41 7.95 -37.25
C LYS A 76 -16.73 7.18 -37.10
N ASP A 77 -16.94 6.17 -37.97
CA ASP A 77 -18.17 5.39 -37.92
C ASP A 77 -18.33 4.62 -36.61
N ASN A 78 -17.23 4.27 -35.98
CA ASN A 78 -17.31 3.51 -34.73
C ASN A 78 -17.18 4.39 -33.50
N GLY A 79 -17.17 5.71 -33.73
CA GLY A 79 -17.08 6.67 -32.64
C GLY A 79 -15.87 6.47 -31.74
N ILE A 80 -14.72 6.16 -32.34
CA ILE A 80 -13.51 5.97 -31.54
C ILE A 80 -12.40 6.91 -32.02
N ILE A 81 -11.57 7.37 -31.07
CA ILE A 81 -10.48 8.29 -31.38
C ILE A 81 -9.17 7.55 -31.53
N LEU A 82 -8.31 8.03 -32.41
CA LEU A 82 -7.02 7.37 -32.59
C LEU A 82 -5.89 8.17 -31.94
N THR A 83 -5.00 7.45 -31.28
CA THR A 83 -3.82 8.01 -30.65
C THR A 83 -2.65 7.18 -31.22
N ALA A 84 -1.44 7.72 -31.24
CA ALA A 84 -0.34 6.95 -31.79
C ALA A 84 0.99 7.03 -31.07
N GLY A 85 1.73 5.92 -31.17
CA GLY A 85 3.05 5.82 -30.58
C GLY A 85 4.06 5.89 -31.72
N ILE A 86 5.26 6.39 -31.41
CA ILE A 86 6.33 6.49 -32.40
C ILE A 86 7.62 5.99 -31.76
N GLY A 87 8.28 5.06 -32.45
CA GLY A 87 9.52 4.51 -31.93
C GLY A 87 10.65 4.75 -32.93
N PRO A 88 11.46 5.79 -32.73
CA PRO A 88 12.57 6.10 -33.63
C PRO A 88 13.56 4.93 -33.64
N SER A 89 14.35 4.82 -34.71
CA SER A 89 15.33 3.74 -34.83
C SER A 89 16.75 4.27 -34.69
N LYS A 90 17.71 3.36 -34.64
CA LYS A 90 19.12 3.73 -34.52
C LYS A 90 19.58 4.58 -35.69
N THR A 91 19.02 4.37 -36.86
CA THR A 91 19.41 5.12 -38.06
C THR A 91 18.58 6.38 -38.30
N LYS A 92 17.44 6.50 -37.63
CA LYS A 92 16.58 7.67 -37.77
C LYS A 92 16.09 8.13 -36.40
N ASN A 93 16.80 9.06 -35.79
CA ASN A 93 16.41 9.55 -34.48
C ASN A 93 17.01 10.92 -34.26
N LEU A 94 16.48 11.65 -33.29
CA LEU A 94 16.92 13.02 -33.01
C LEU A 94 18.04 13.19 -32.00
N SER A 95 18.50 12.12 -31.37
CA SER A 95 19.54 12.31 -30.38
C SER A 95 20.92 11.88 -30.83
N SER A 96 21.02 11.17 -31.95
CA SER A 96 22.32 10.69 -32.42
C SER A 96 23.40 11.74 -32.63
N GLU A 97 24.65 11.36 -32.37
CA GLU A 97 25.79 12.23 -32.57
C GLU A 97 25.94 12.51 -34.06
N ASP A 98 25.58 11.52 -34.87
CA ASP A 98 25.66 11.59 -36.33
C ASP A 98 24.64 12.55 -36.95
N ALA A 99 25.13 13.67 -37.47
CA ALA A 99 24.27 14.67 -38.10
C ALA A 99 23.36 14.07 -39.16
N ALA A 100 23.87 13.09 -39.91
CA ALA A 100 23.09 12.46 -40.97
C ALA A 100 21.90 11.72 -40.37
N VAL A 101 22.15 11.04 -39.26
CA VAL A 101 21.10 10.31 -38.57
C VAL A 101 20.05 11.30 -38.07
N ARG A 102 20.50 12.42 -37.51
CA ARG A 102 19.57 13.44 -37.00
C ARG A 102 18.74 14.03 -38.12
N ALA A 103 19.34 14.20 -39.29
CA ALA A 103 18.63 14.76 -40.44
C ALA A 103 17.58 13.75 -40.92
N ALA A 104 17.95 12.48 -40.91
CA ALA A 104 17.02 11.44 -41.33
C ALA A 104 15.90 11.29 -40.30
N GLY A 105 16.23 11.49 -39.03
CA GLY A 105 15.21 11.41 -37.99
C GLY A 105 14.20 12.53 -38.17
N LYS A 106 14.69 13.73 -38.43
CA LYS A 106 13.82 14.88 -38.61
C LYS A 106 12.91 14.65 -39.83
N ALA A 107 13.49 14.11 -40.90
CA ALA A 107 12.72 13.83 -42.11
C ALA A 107 11.69 12.75 -41.81
N PHE A 108 12.08 11.74 -41.04
CA PHE A 108 11.17 10.66 -40.65
C PHE A 108 9.98 11.20 -39.82
N PHE A 109 10.25 12.10 -38.88
CA PHE A 109 9.18 12.65 -38.08
C PHE A 109 8.20 13.48 -38.90
N GLU A 110 8.72 14.34 -39.77
CA GLU A 110 7.85 15.18 -40.60
C GLU A 110 6.91 14.33 -41.45
N ARG A 111 7.44 13.28 -42.05
CA ARG A 111 6.63 12.39 -42.87
C ARG A 111 5.55 11.69 -42.04
N THR A 112 5.97 11.12 -40.91
CA THR A 112 5.05 10.41 -40.04
C THR A 112 3.97 11.34 -39.50
N LEU A 113 4.37 12.53 -39.06
CA LEU A 113 3.43 13.50 -38.51
C LEU A 113 2.38 13.91 -39.57
N SER A 114 2.80 14.08 -40.82
CA SER A 114 1.86 14.44 -41.87
C SER A 114 0.85 13.31 -42.06
N ASN A 115 1.33 12.08 -42.06
CA ASN A 115 0.43 10.93 -42.23
C ASN A 115 -0.51 10.80 -41.02
N VAL A 116 0.04 11.02 -39.84
CA VAL A 116 -0.71 10.94 -38.58
C VAL A 116 -1.90 11.91 -38.60
N ALA A 117 -1.68 13.10 -39.17
CA ALA A 117 -2.75 14.08 -39.25
C ALA A 117 -3.85 13.62 -40.19
N LYS A 118 -3.49 12.83 -41.20
CA LYS A 118 -4.46 12.30 -42.16
C LYS A 118 -5.44 11.36 -41.47
N LEU A 119 -5.06 10.86 -40.29
CA LEU A 119 -5.94 9.96 -39.54
C LEU A 119 -6.64 10.71 -38.41
N ASP A 120 -6.52 12.03 -38.41
CA ASP A 120 -7.13 12.86 -37.38
C ASP A 120 -6.61 12.48 -35.98
N ILE A 121 -5.31 12.22 -35.90
CA ILE A 121 -4.63 11.89 -34.66
C ILE A 121 -3.96 13.18 -34.16
N HIS A 122 -4.18 13.52 -32.89
CA HIS A 122 -3.60 14.74 -32.34
C HIS A 122 -2.61 14.54 -31.19
N THR A 123 -2.46 13.29 -30.76
CA THR A 123 -1.53 12.96 -29.67
C THR A 123 -0.56 11.88 -30.15
N ILE A 124 0.73 12.21 -30.06
CA ILE A 124 1.82 11.33 -30.46
C ILE A 124 2.70 11.17 -29.23
N GLY A 125 3.03 9.94 -28.87
CA GLY A 125 3.86 9.72 -27.70
C GLY A 125 4.95 8.67 -27.86
N GLY A 126 5.85 8.60 -26.89
CA GLY A 126 6.92 7.63 -26.97
C GLY A 126 8.26 8.27 -26.67
N ALA A 127 9.32 7.52 -26.85
CA ALA A 127 10.67 8.03 -26.58
C ALA A 127 11.13 8.86 -27.77
N LEU A 128 10.38 9.92 -28.08
CA LEU A 128 10.65 10.79 -29.23
C LEU A 128 12.01 11.42 -29.21
N HIS A 129 12.57 11.58 -28.02
CA HIS A 129 13.87 12.19 -27.82
C HIS A 129 15.02 11.20 -28.00
N SER A 130 14.69 9.94 -28.26
CA SER A 130 15.72 8.93 -28.33
C SER A 130 15.36 7.89 -29.38
N TYR A 131 15.67 6.63 -29.09
CA TYR A 131 15.34 5.54 -29.99
C TYR A 131 15.41 4.24 -29.22
N TRP A 132 15.07 3.17 -29.90
CA TRP A 132 15.10 1.82 -29.36
C TRP A 132 15.73 0.94 -30.44
N PRO A 133 16.51 -0.08 -30.05
CA PRO A 133 16.89 -0.56 -28.72
C PRO A 133 17.77 0.36 -27.87
N ILE A 134 19.05 0.40 -28.24
CA ILE A 134 20.11 1.18 -27.59
C ILE A 134 21.13 0.16 -27.07
N ASP A 135 22.29 0.11 -27.71
CA ASP A 135 23.33 -0.83 -27.32
C ASP A 135 24.04 -0.36 -26.06
N TYR A 136 23.64 -0.92 -24.93
CA TYR A 136 24.26 -0.57 -23.67
C TYR A 136 25.58 -1.27 -23.41
N SER A 137 26.06 -2.02 -24.40
CA SER A 137 27.35 -2.70 -24.26
C SER A 137 28.38 -1.67 -24.73
N GLN A 138 27.88 -0.61 -25.37
CA GLN A 138 28.69 0.49 -25.87
C GLN A 138 28.50 1.67 -24.92
N PRO A 139 29.57 2.45 -24.66
CA PRO A 139 29.48 3.60 -23.75
C PRO A 139 28.30 4.52 -24.10
N VAL A 140 27.77 5.19 -23.08
CA VAL A 140 26.64 6.08 -23.25
C VAL A 140 27.02 7.53 -22.95
N ASP A 141 26.43 8.45 -23.72
CA ASP A 141 26.70 9.89 -23.57
C ASP A 141 25.42 10.61 -23.13
N LYS A 142 25.15 10.60 -21.83
CA LYS A 142 23.92 11.18 -21.29
C LYS A 142 23.74 12.67 -21.58
N ALA A 143 24.73 13.48 -21.23
CA ALA A 143 24.66 14.92 -21.46
C ALA A 143 24.47 15.24 -22.94
N GLY A 144 25.23 14.56 -23.78
CA GLY A 144 25.14 14.78 -25.21
C GLY A 144 23.79 14.40 -25.78
N ASP A 145 23.31 13.20 -25.44
CA ASP A 145 22.02 12.76 -25.97
C ASP A 145 20.89 13.67 -25.47
N TYR A 146 21.03 14.19 -24.26
CA TYR A 146 20.02 15.09 -23.71
C TYR A 146 19.98 16.38 -24.54
N ALA A 147 21.14 17.01 -24.66
CA ALA A 147 21.26 18.26 -25.42
C ALA A 147 20.78 18.12 -26.86
N ARG A 148 21.19 17.05 -27.55
CA ARG A 148 20.77 16.86 -28.92
C ARG A 148 19.27 16.52 -28.99
N GLY A 149 18.77 15.81 -27.99
CA GLY A 149 17.35 15.46 -27.98
C GLY A 149 16.47 16.71 -27.86
N VAL A 150 16.88 17.61 -26.98
CA VAL A 150 16.16 18.85 -26.74
C VAL A 150 16.10 19.63 -28.04
N GLU A 151 17.25 19.79 -28.69
CA GLU A 151 17.31 20.52 -29.94
C GLU A 151 16.49 19.83 -31.03
N GLY A 152 16.64 18.52 -31.18
CA GLY A 152 15.86 17.83 -32.20
C GLY A 152 14.36 17.96 -32.01
N ILE A 153 13.88 17.87 -30.77
CA ILE A 153 12.44 17.99 -30.50
C ILE A 153 11.98 19.41 -30.76
N ASN A 154 12.75 20.36 -30.28
CA ASN A 154 12.44 21.77 -30.49
C ASN A 154 12.26 22.00 -32.01
N GLY A 155 13.14 21.40 -32.80
CA GLY A 155 13.09 21.56 -34.25
C GLY A 155 11.96 20.94 -35.04
N ILE A 156 11.17 20.04 -34.46
CA ILE A 156 10.04 19.47 -35.19
C ILE A 156 8.73 19.91 -34.56
N ALA A 157 8.82 20.60 -33.42
CA ALA A 157 7.62 21.03 -32.70
C ALA A 157 6.65 21.89 -33.50
N ASP A 158 7.18 22.89 -34.20
CA ASP A 158 6.32 23.78 -34.97
C ASP A 158 5.59 23.02 -36.08
N PHE A 159 6.29 22.08 -36.72
CA PHE A 159 5.69 21.29 -37.79
C PHE A 159 4.50 20.52 -37.20
N ALA A 160 4.70 19.91 -36.04
CA ALA A 160 3.62 19.16 -35.39
C ALA A 160 2.50 20.12 -35.00
N ASN A 161 2.88 21.27 -34.46
CA ASN A 161 1.90 22.26 -34.02
C ASN A 161 1.00 22.76 -35.15
N ASP A 162 1.55 22.89 -36.35
CA ASP A 162 0.72 23.35 -37.46
C ASP A 162 -0.36 22.30 -37.73
N LEU A 163 -0.07 21.05 -37.39
CA LEU A 163 -1.04 19.98 -37.62
C LEU A 163 -1.92 19.72 -36.40
N GLY A 164 -1.80 20.58 -35.38
CA GLY A 164 -2.58 20.44 -34.16
C GLY A 164 -2.21 19.19 -33.36
N ILE A 165 -0.92 18.82 -33.43
CA ILE A 165 -0.41 17.64 -32.78
C ILE A 165 0.49 17.95 -31.57
N ASN A 166 0.25 17.27 -30.45
CA ASN A 166 1.07 17.40 -29.26
C ASN A 166 2.06 16.23 -29.24
N LEU A 167 3.32 16.53 -28.96
CA LEU A 167 4.39 15.53 -28.88
C LEU A 167 4.58 15.23 -27.39
N CYS A 168 4.35 13.98 -26.99
CA CYS A 168 4.48 13.60 -25.59
C CYS A 168 5.70 12.73 -25.37
N ILE A 169 6.65 13.28 -24.60
CA ILE A 169 7.93 12.64 -24.30
C ILE A 169 7.80 11.64 -23.16
N GLU A 170 7.98 10.37 -23.48
CA GLU A 170 7.81 9.32 -22.48
C GLU A 170 9.01 9.10 -21.59
N VAL A 171 8.75 9.07 -20.28
CA VAL A 171 9.80 8.84 -19.27
C VAL A 171 9.87 7.32 -19.15
N LEU A 172 11.07 6.75 -19.31
CA LEU A 172 11.25 5.29 -19.26
C LEU A 172 12.17 4.79 -18.16
N ASN A 173 12.12 3.49 -17.87
CA ASN A 173 12.97 2.91 -16.84
C ASN A 173 14.42 2.78 -17.32
N ARG A 174 15.35 2.69 -16.38
CA ARG A 174 16.77 2.60 -16.69
C ARG A 174 17.19 1.56 -17.75
N PHE A 175 16.45 0.47 -17.87
CA PHE A 175 16.82 -0.56 -18.84
C PHE A 175 16.48 -0.19 -20.29
N GLU A 176 15.64 0.84 -20.48
CA GLU A 176 15.22 1.23 -21.82
C GLU A 176 15.65 2.62 -22.26
N ASN A 177 16.05 3.46 -21.32
CA ASN A 177 16.54 4.80 -21.69
C ASN A 177 17.45 5.28 -20.59
N HIS A 178 18.43 6.10 -20.95
CA HIS A 178 19.40 6.59 -19.99
C HIS A 178 19.35 8.08 -19.80
N VAL A 179 18.39 8.74 -20.47
CA VAL A 179 18.28 10.20 -20.39
C VAL A 179 17.15 10.72 -19.49
N LEU A 180 15.93 10.24 -19.73
CA LEU A 180 14.76 10.65 -18.92
C LEU A 180 14.19 9.39 -18.23
N ASN A 181 14.43 9.27 -16.93
CA ASN A 181 13.98 8.12 -16.13
C ASN A 181 12.98 8.53 -15.08
N THR A 182 12.88 9.83 -14.88
CA THR A 182 12.02 10.38 -13.86
C THR A 182 11.07 11.49 -14.35
N ALA A 183 9.91 11.61 -13.71
CA ALA A 183 8.97 12.66 -14.09
C ALA A 183 9.70 14.03 -13.99
N ALA A 184 10.50 14.22 -12.94
CA ALA A 184 11.22 15.49 -12.75
C ALA A 184 12.20 15.72 -13.91
N GLU A 185 12.85 14.66 -14.38
CA GLU A 185 13.78 14.81 -15.51
C GLU A 185 12.97 15.10 -16.77
N GLY A 186 11.81 14.45 -16.90
CA GLY A 186 10.96 14.66 -18.07
C GLY A 186 10.50 16.10 -18.14
N VAL A 187 10.07 16.63 -17.00
CA VAL A 187 9.64 18.03 -16.96
C VAL A 187 10.80 18.99 -17.30
N ALA A 188 12.01 18.70 -16.83
CA ALA A 188 13.14 19.59 -17.10
C ALA A 188 13.40 19.60 -18.60
N PHE A 189 13.35 18.43 -19.21
CA PHE A 189 13.58 18.31 -20.64
C PHE A 189 12.54 19.12 -21.42
N VAL A 190 11.27 18.95 -21.07
CA VAL A 190 10.19 19.67 -21.73
C VAL A 190 10.33 21.20 -21.58
N LYS A 191 10.71 21.65 -20.39
CA LYS A 191 10.89 23.09 -20.19
C LYS A 191 12.03 23.62 -21.07
N ASP A 192 13.08 22.83 -21.21
CA ASP A 192 14.20 23.20 -22.07
C ASP A 192 13.79 23.28 -23.53
N VAL A 193 12.86 22.42 -23.94
CA VAL A 193 12.45 22.46 -25.32
C VAL A 193 11.72 23.79 -25.57
N GLY A 194 10.93 24.22 -24.58
CA GLY A 194 10.22 25.48 -24.67
C GLY A 194 9.16 25.61 -25.76
N LYS A 195 8.37 24.58 -25.96
CA LYS A 195 7.32 24.62 -26.96
C LYS A 195 6.00 24.26 -26.31
N ASN A 196 4.95 24.99 -26.66
CA ASN A 196 3.64 24.76 -26.09
C ASN A 196 3.03 23.40 -26.37
N ASN A 197 3.43 22.75 -27.46
CA ASN A 197 2.85 21.46 -27.80
C ASN A 197 3.74 20.27 -27.52
N VAL A 198 4.71 20.43 -26.63
CA VAL A 198 5.59 19.33 -26.23
C VAL A 198 5.27 19.11 -24.76
N LYS A 199 4.88 17.87 -24.45
CA LYS A 199 4.42 17.50 -23.12
C LYS A 199 5.17 16.29 -22.55
N VAL A 200 4.98 16.06 -21.25
CA VAL A 200 5.60 14.93 -20.60
C VAL A 200 4.63 13.77 -20.63
N LEU A 202 3.92 9.86 -18.87
CA LEU A 202 4.29 8.90 -17.83
C LEU A 202 3.62 7.54 -18.07
N ASP A 203 4.24 6.49 -17.55
CA ASP A 203 3.76 5.12 -17.75
C ASP A 203 3.93 4.37 -16.41
N THR A 204 2.84 3.80 -15.87
CA THR A 204 2.93 3.12 -14.59
C THR A 204 3.99 2.05 -14.52
N PHE A 205 4.22 1.33 -15.62
CA PHE A 205 5.23 0.28 -15.64
C PHE A 205 6.63 0.87 -15.36
N HIS A 206 6.92 2.02 -15.96
CA HIS A 206 8.22 2.64 -15.80
C HIS A 206 8.33 3.37 -14.48
N ASN A 208 6.93 2.53 -11.80
CA ASN A 208 7.06 1.50 -10.78
C ASN A 208 8.52 1.20 -10.45
N ILE A 209 9.40 1.35 -11.44
CA ILE A 209 10.80 1.08 -11.19
C ILE A 209 11.56 2.30 -10.67
N GLU A 210 11.46 3.41 -11.41
CA GLU A 210 12.22 4.62 -11.09
C GLU A 210 11.72 5.63 -10.06
N GLU A 211 10.42 5.83 -9.95
CA GLU A 211 9.90 6.87 -9.06
C GLU A 211 9.87 6.61 -7.57
N ASP A 212 10.09 7.68 -6.82
CA ASP A 212 10.02 7.64 -5.37
C ASP A 212 8.54 7.52 -4.95
N SER A 213 7.66 8.22 -5.66
CA SER A 213 6.22 8.21 -5.37
C SER A 213 5.37 8.43 -6.64
N PHE A 214 4.37 7.57 -6.85
CA PHE A 214 3.51 7.68 -8.05
C PHE A 214 2.75 9.02 -8.03
N GLY A 215 2.14 9.31 -6.88
CA GLY A 215 1.40 10.56 -6.76
C GLY A 215 2.29 11.76 -6.96
N ASP A 216 3.47 11.73 -6.36
CA ASP A 216 4.40 12.84 -6.49
C ASP A 216 4.87 13.03 -7.91
N ALA A 217 5.11 11.93 -8.63
CA ALA A 217 5.59 12.02 -10.01
C ALA A 217 4.51 12.65 -10.90
N ILE A 218 3.26 12.29 -10.64
CA ILE A 218 2.15 12.81 -11.44
C ILE A 218 1.94 14.30 -11.17
N ARG A 219 2.03 14.68 -9.89
CA ARG A 219 1.88 16.07 -9.54
C ARG A 219 3.05 16.88 -10.10
N THR A 220 4.24 16.27 -10.12
CA THR A 220 5.42 16.94 -10.65
C THR A 220 5.18 17.24 -12.13
N ALA A 221 4.63 16.28 -12.85
CA ALA A 221 4.33 16.47 -14.27
C ALA A 221 3.31 17.60 -14.38
N GLY A 222 2.33 17.56 -13.48
CA GLY A 222 1.29 18.58 -13.43
C GLY A 222 0.70 19.01 -14.75
N PRO A 223 0.70 20.32 -15.02
CA PRO A 223 0.14 20.84 -16.27
C PRO A 223 0.82 20.32 -17.53
N LEU A 224 2.04 19.79 -17.40
CA LEU A 224 2.77 19.27 -18.56
C LEU A 224 2.46 17.80 -18.91
N LEU A 225 1.62 17.14 -18.11
CA LEU A 225 1.28 15.75 -18.38
C LEU A 225 0.36 15.75 -19.59
N GLY A 226 0.83 15.21 -20.70
CA GLY A 226 0.01 15.19 -21.90
C GLY A 226 -0.53 13.83 -22.34
N HIS A 227 0.04 12.75 -21.80
CA HIS A 227 -0.37 11.39 -22.16
C HIS A 227 0.01 10.46 -20.98
N PHE A 228 -0.71 9.37 -20.83
CA PHE A 228 -0.49 8.45 -19.70
C PHE A 228 -0.72 6.99 -20.10
N HIS A 229 0.21 6.12 -19.71
CA HIS A 229 0.11 4.70 -20.00
C HIS A 229 -0.08 3.91 -18.70
N THR A 230 -0.87 2.85 -18.76
CA THR A 230 -1.11 2.03 -17.58
C THR A 230 -0.87 0.54 -17.79
N GLY A 231 -0.56 -0.13 -16.68
CA GLY A 231 -0.31 -1.56 -16.68
C GLY A 231 0.18 -1.92 -15.30
N GLU A 232 0.13 -3.19 -14.93
CA GLU A 232 0.61 -3.59 -13.62
C GLU A 232 2.14 -3.65 -13.74
N SER A 233 2.83 -3.91 -12.63
CA SER A 233 4.29 -3.91 -12.64
C SER A 233 4.88 -4.89 -13.63
N ASN A 234 4.17 -6.00 -13.86
CA ASN A 234 4.64 -7.02 -14.81
C ASN A 234 3.84 -6.97 -16.10
N ARG A 235 3.14 -5.84 -16.31
CA ARG A 235 2.40 -5.57 -17.54
C ARG A 235 1.06 -6.23 -17.80
N ARG A 236 0.42 -6.76 -16.76
CA ARG A 236 -0.91 -7.32 -16.92
C ARG A 236 -1.85 -6.12 -17.00
N VAL A 237 -3.10 -6.35 -17.37
CA VAL A 237 -4.05 -5.27 -17.49
C VAL A 237 -4.32 -4.66 -16.11
N PRO A 238 -4.61 -3.36 -16.09
CA PRO A 238 -4.88 -2.65 -14.83
C PRO A 238 -5.98 -3.32 -14.01
N GLY A 239 -5.73 -3.47 -12.72
CA GLY A 239 -6.70 -4.09 -11.85
C GLY A 239 -6.34 -5.51 -11.45
N LYS A 240 -5.42 -6.13 -12.19
CA LYS A 240 -5.00 -7.50 -11.88
C LYS A 240 -3.94 -7.51 -10.77
N GLY A 241 -3.34 -6.35 -10.51
CA GLY A 241 -2.25 -6.32 -9.54
C GLY A 241 -2.24 -5.33 -8.40
N ARG A 242 -1.05 -5.10 -7.87
CA ARG A 242 -0.83 -4.24 -6.72
C ARG A 242 -0.50 -2.76 -6.96
N PRO A 244 -0.72 1.09 -7.04
CA PRO A 244 -1.58 1.91 -6.15
C PRO A 244 -2.57 2.74 -6.96
N TRP A 245 -3.53 2.06 -7.60
CA TRP A 245 -4.51 2.71 -8.43
C TRP A 245 -5.25 3.88 -7.79
N HIS A 246 -5.64 3.74 -6.52
CA HIS A 246 -6.34 4.81 -5.85
C HIS A 246 -5.48 6.07 -5.74
N GLU A 247 -4.23 5.91 -5.36
CA GLU A 247 -3.30 7.03 -5.25
C GLU A 247 -3.10 7.70 -6.63
N ILE A 248 -2.98 6.87 -7.66
CA ILE A 248 -2.80 7.34 -9.02
C ILE A 248 -4.03 8.17 -9.42
N GLY A 249 -5.21 7.59 -9.18
CA GLY A 249 -6.45 8.27 -9.52
C GLY A 249 -6.53 9.65 -8.87
N LEU A 250 -6.20 9.71 -7.58
CA LEU A 250 -6.24 10.97 -6.84
C LEU A 250 -5.28 12.01 -7.44
N ALA A 251 -4.07 11.57 -7.78
CA ALA A 251 -3.08 12.47 -8.34
C ALA A 251 -3.55 13.02 -9.70
N LEU A 252 -4.08 12.14 -10.56
CA LEU A 252 -4.56 12.58 -11.87
C LEU A 252 -5.66 13.63 -11.65
N ARG A 253 -6.55 13.40 -10.69
CA ARG A 253 -7.59 14.38 -10.40
C ARG A 253 -6.99 15.67 -9.81
N ASP A 254 -5.98 15.54 -8.95
CA ASP A 254 -5.32 16.71 -8.35
C ASP A 254 -4.83 17.64 -9.47
N ILE A 255 -4.30 17.08 -10.54
CA ILE A 255 -3.80 17.93 -11.62
C ILE A 255 -4.83 18.20 -12.71
N ASN A 256 -6.08 17.83 -12.45
CA ASN A 256 -7.16 18.04 -13.41
C ASN A 256 -6.85 17.40 -14.77
N TYR A 257 -6.25 16.22 -14.76
CA TYR A 257 -5.92 15.56 -16.02
C TYR A 257 -7.20 15.20 -16.79
N THR A 258 -7.28 15.65 -18.04
CA THR A 258 -8.44 15.35 -18.88
C THR A 258 -7.95 14.72 -20.19
N GLY A 259 -6.70 14.24 -20.18
CA GLY A 259 -6.11 13.60 -21.34
C GLY A 259 -6.48 12.13 -21.42
N ALA A 260 -5.71 11.37 -22.19
CA ALA A 260 -5.96 9.94 -22.39
C ALA A 260 -5.21 9.05 -21.41
N VAL A 261 -5.82 7.90 -21.10
CA VAL A 261 -5.22 6.91 -20.24
C VAL A 261 -5.29 5.63 -21.09
N ILE A 262 -4.14 5.20 -21.60
CA ILE A 262 -4.07 4.03 -22.46
C ILE A 262 -3.46 2.85 -21.72
N GLU A 264 -1.51 -0.46 -21.68
CA GLU A 264 -0.55 -1.05 -22.59
C GLU A 264 -0.13 -2.41 -22.05
N PRO A 265 -1.07 -3.36 -22.01
CA PRO A 265 -0.69 -4.68 -21.49
C PRO A 265 0.02 -5.59 -22.47
N PHE A 266 0.99 -6.33 -21.97
CA PHE A 266 1.76 -7.27 -22.77
C PHE A 266 1.83 -8.54 -21.92
N VAL A 267 0.98 -9.50 -22.22
CA VAL A 267 0.90 -10.73 -21.46
C VAL A 267 1.12 -12.02 -22.28
N LYS A 268 1.43 -11.88 -23.57
CA LYS A 268 1.66 -13.05 -24.42
C LYS A 268 3.12 -13.24 -24.86
N THR A 269 3.62 -14.46 -24.68
CA THR A 269 4.99 -14.80 -25.06
C THR A 269 5.02 -15.03 -26.56
N GLY A 270 6.23 -15.03 -27.13
CA GLY A 270 6.40 -15.29 -28.55
C GLY A 270 6.36 -14.14 -29.53
N GLY A 271 6.96 -14.35 -30.69
CA GLY A 271 6.99 -13.34 -31.72
C GLY A 271 7.93 -12.21 -31.36
N THR A 272 7.97 -11.21 -32.22
CA THR A 272 8.81 -10.04 -32.01
C THR A 272 8.40 -9.23 -30.75
N ILE A 273 7.10 -9.12 -30.50
CA ILE A 273 6.64 -8.38 -29.33
C ILE A 273 7.13 -9.11 -28.08
N GLY A 274 6.89 -10.42 -28.05
CA GLY A 274 7.31 -11.24 -26.92
C GLY A 274 8.78 -11.07 -26.56
N SER A 275 9.66 -11.07 -27.55
CA SER A 275 11.08 -10.91 -27.27
C SER A 275 11.47 -9.45 -27.03
N ASP A 276 10.84 -8.53 -27.74
CA ASP A 276 11.15 -7.10 -27.58
C ASP A 276 10.69 -6.55 -26.22
N ILE A 277 9.49 -6.95 -25.79
CA ILE A 277 8.95 -6.52 -24.51
C ILE A 277 9.41 -7.50 -23.43
N LYS A 278 10.20 -8.50 -23.83
CA LYS A 278 10.73 -9.47 -22.89
C LYS A 278 9.67 -10.16 -22.05
N VAL A 279 8.65 -10.68 -22.73
CA VAL A 279 7.56 -11.40 -22.08
C VAL A 279 7.98 -12.88 -22.17
N TRP A 280 8.79 -13.31 -21.21
CA TRP A 280 9.32 -14.66 -21.19
C TRP A 280 8.32 -15.72 -20.76
N ARG A 281 7.36 -15.35 -19.92
CA ARG A 281 6.35 -16.27 -19.44
C ARG A 281 4.98 -15.69 -19.73
N ASP A 282 4.01 -16.58 -19.94
CA ASP A 282 2.65 -16.17 -20.21
C ASP A 282 2.03 -15.57 -18.95
N LEU A 283 1.36 -14.44 -19.11
CA LEU A 283 0.71 -13.80 -17.98
C LEU A 283 -0.77 -13.60 -18.28
N SER A 284 -1.27 -14.30 -19.29
CA SER A 284 -2.69 -14.21 -19.69
C SER A 284 -3.48 -15.34 -19.04
N GLY A 285 -2.77 -16.37 -18.58
CA GLY A 285 -3.42 -17.51 -17.98
C GLY A 285 -3.97 -18.38 -19.09
N GLY A 286 -3.22 -18.49 -20.18
CA GLY A 286 -3.64 -19.27 -21.33
C GLY A 286 -4.94 -18.78 -21.96
N ALA A 287 -5.22 -17.49 -21.86
CA ALA A 287 -6.45 -16.94 -22.40
C ALA A 287 -6.67 -17.07 -23.90
N ASP A 288 -7.91 -17.33 -24.28
CA ASP A 288 -8.26 -17.38 -25.70
C ASP A 288 -8.63 -15.93 -26.01
N ILE A 289 -8.95 -15.63 -27.26
CA ILE A 289 -9.30 -14.25 -27.59
C ILE A 289 -10.42 -13.71 -26.73
N ALA A 290 -11.43 -14.53 -26.47
CA ALA A 290 -12.57 -14.10 -25.66
C ALA A 290 -12.16 -13.74 -24.22
N LYS A 291 -11.22 -14.49 -23.65
CA LYS A 291 -10.79 -14.17 -22.30
C LYS A 291 -9.95 -12.87 -22.36
N ASP A 293 -10.35 -10.37 -24.32
CA ASP A 293 -11.34 -9.29 -24.44
C ASP A 293 -11.98 -8.99 -23.10
N GLU A 294 -12.31 -10.05 -22.37
CA GLU A 294 -12.95 -9.93 -21.07
C GLU A 294 -12.02 -9.20 -20.09
N ASP A 295 -10.75 -9.59 -20.05
CA ASP A 295 -9.80 -8.91 -19.16
C ASP A 295 -9.73 -7.42 -19.57
N ALA A 296 -9.64 -7.15 -20.86
CA ALA A 296 -9.57 -5.77 -21.35
C ALA A 296 -10.81 -5.00 -20.92
N ARG A 297 -11.98 -5.61 -21.14
CA ARG A 297 -13.25 -4.99 -20.78
C ARG A 297 -13.34 -4.73 -19.27
N ASN A 298 -12.86 -5.69 -18.47
CA ASN A 298 -12.94 -5.50 -17.02
C ASN A 298 -11.92 -4.44 -16.56
N ALA A 299 -10.75 -4.42 -17.19
CA ALA A 299 -9.73 -3.45 -16.81
C ALA A 299 -10.22 -2.04 -17.16
N LEU A 300 -10.98 -1.93 -18.24
CA LEU A 300 -11.56 -0.66 -18.69
C LEU A 300 -12.52 -0.14 -17.63
N ALA A 301 -13.45 -1.00 -17.22
CA ALA A 301 -14.43 -0.63 -16.18
C ALA A 301 -13.72 -0.26 -14.88
N PHE A 302 -12.73 -1.06 -14.50
CA PHE A 302 -11.94 -0.82 -13.30
C PHE A 302 -11.29 0.56 -13.42
N SER A 303 -10.68 0.83 -14.56
CA SER A 303 -10.00 2.11 -14.74
C SER A 303 -10.91 3.31 -14.70
N ARG A 304 -12.09 3.19 -15.29
CA ARG A 304 -13.01 4.32 -15.26
C ARG A 304 -13.51 4.57 -13.84
N PHE A 305 -13.74 3.49 -13.09
CA PHE A 305 -14.26 3.59 -11.72
C PHE A 305 -13.25 4.10 -10.69
N VAL A 306 -12.01 3.62 -10.77
CA VAL A 306 -10.97 4.02 -9.84
C VAL A 306 -10.19 5.26 -10.31
N LEU A 307 -10.02 5.42 -11.62
CA LEU A 307 -9.25 6.57 -12.10
C LEU A 307 -10.08 7.78 -12.49
N GLY A 308 -11.25 7.55 -13.07
CA GLY A 308 -12.09 8.66 -13.48
C GLY A 308 -12.39 8.48 -14.96
N GLY A 309 -13.38 9.21 -15.46
CA GLY A 309 -13.76 9.08 -16.86
C GLY A 309 -15.05 8.31 -17.02
N LYS B 22 -19.69 -15.75 -3.96
CA LYS B 22 -20.87 -15.00 -4.38
C LYS B 22 -20.84 -13.58 -3.81
N HIS B 23 -21.43 -12.63 -4.52
CA HIS B 23 -21.43 -11.24 -4.05
C HIS B 23 -22.80 -10.68 -3.72
N GLY B 24 -22.88 -9.93 -2.63
CA GLY B 24 -24.14 -9.34 -2.23
C GLY B 24 -24.01 -7.94 -1.67
N ILE B 25 -25.12 -7.38 -1.24
CA ILE B 25 -25.15 -6.04 -0.68
C ILE B 25 -26.22 -5.97 0.41
N TYR B 26 -25.93 -5.24 1.49
CA TYR B 26 -26.89 -5.10 2.57
C TYR B 26 -27.89 -4.03 2.08
N TYR B 27 -29.16 -4.39 1.96
CA TYR B 27 -30.14 -3.43 1.41
C TYR B 27 -30.29 -2.07 2.10
N SER B 28 -29.91 -1.95 3.39
CA SER B 28 -30.05 -0.69 4.11
C SER B 28 -29.17 0.43 3.54
N TYR B 29 -28.35 0.07 2.57
CA TYR B 29 -27.49 1.02 1.89
C TYR B 29 -28.38 2.12 1.30
N TRP B 30 -29.57 1.73 0.87
CA TRP B 30 -30.53 2.64 0.26
C TRP B 30 -31.53 3.35 1.20
N GLU B 31 -31.46 3.07 2.50
CA GLU B 31 -32.42 3.67 3.45
C GLU B 31 -31.78 4.50 4.57
N HIS B 32 -32.65 5.07 5.41
CA HIS B 32 -32.23 5.88 6.55
C HIS B 32 -32.77 5.29 7.85
N GLU B 33 -33.70 4.34 7.73
CA GLU B 33 -34.31 3.70 8.88
C GLU B 33 -34.17 2.20 8.81
N TRP B 34 -33.87 1.57 9.93
CA TRP B 34 -33.73 0.12 9.97
C TRP B 34 -35.08 -0.56 9.71
N SER B 35 -36.16 0.17 9.98
CA SER B 35 -37.52 -0.33 9.83
C SER B 35 -38.02 -0.44 8.39
N ALA B 36 -37.32 0.17 7.45
CA ALA B 36 -37.72 0.08 6.06
C ALA B 36 -37.71 -1.41 5.70
N LYS B 37 -38.77 -1.88 5.04
CA LYS B 37 -38.86 -3.30 4.68
C LYS B 37 -38.01 -3.65 3.45
N PHE B 38 -37.49 -4.87 3.43
CA PHE B 38 -36.65 -5.32 2.33
C PHE B 38 -37.39 -5.95 1.16
N GLY B 39 -38.70 -6.13 1.29
CA GLY B 39 -39.47 -6.75 0.23
C GLY B 39 -39.17 -6.28 -1.19
N PRO B 40 -39.34 -4.98 -1.47
CA PRO B 40 -39.08 -4.43 -2.81
C PRO B 40 -37.63 -4.53 -3.26
N TYR B 41 -36.71 -4.70 -2.31
CA TYR B 41 -35.30 -4.76 -2.65
C TYR B 41 -34.82 -6.08 -3.24
N ILE B 42 -35.59 -7.14 -3.02
CA ILE B 42 -35.20 -8.42 -3.55
C ILE B 42 -35.03 -8.33 -5.07
N GLU B 43 -36.05 -7.78 -5.73
CA GLU B 43 -36.00 -7.65 -7.18
C GLU B 43 -35.08 -6.53 -7.64
N LYS B 44 -34.98 -5.46 -6.86
CA LYS B 44 -34.13 -4.34 -7.24
C LYS B 44 -32.67 -4.79 -7.28
N VAL B 45 -32.25 -5.42 -6.18
CA VAL B 45 -30.89 -5.89 -6.04
C VAL B 45 -30.53 -6.96 -7.04
N ALA B 46 -31.48 -7.84 -7.34
CA ALA B 46 -31.23 -8.90 -8.30
C ALA B 46 -31.00 -8.29 -9.68
N LYS B 47 -31.82 -7.31 -10.05
CA LYS B 47 -31.67 -6.67 -11.35
C LYS B 47 -30.36 -5.89 -11.45
N LEU B 48 -29.75 -5.59 -10.30
CA LEU B 48 -28.48 -4.86 -10.31
C LEU B 48 -27.33 -5.81 -10.58
N GLY B 49 -27.63 -7.11 -10.55
CA GLY B 49 -26.62 -8.12 -10.82
C GLY B 49 -26.06 -8.89 -9.63
N PHE B 50 -26.49 -8.54 -8.41
CA PHE B 50 -25.99 -9.20 -7.21
C PHE B 50 -26.47 -10.64 -7.08
N ASP B 51 -25.62 -11.50 -6.52
CA ASP B 51 -26.01 -12.89 -6.30
C ASP B 51 -26.83 -13.00 -5.02
N ILE B 52 -26.56 -12.10 -4.08
CA ILE B 52 -27.17 -12.12 -2.76
C ILE B 52 -27.70 -10.78 -2.27
N ILE B 53 -28.76 -10.82 -1.47
CA ILE B 53 -29.25 -9.60 -0.84
C ILE B 53 -29.25 -9.96 0.65
N GLU B 54 -28.59 -9.14 1.48
CA GLU B 54 -28.57 -9.42 2.92
C GLU B 54 -29.57 -8.52 3.63
N VAL B 55 -30.30 -9.10 4.57
CA VAL B 55 -31.33 -8.38 5.32
C VAL B 55 -31.16 -8.56 6.83
N ALA B 56 -31.96 -7.84 7.62
CA ALA B 56 -31.90 -7.97 9.08
C ALA B 56 -32.91 -9.05 9.48
N ALA B 57 -32.43 -10.10 10.12
CA ALA B 57 -33.26 -11.23 10.51
C ALA B 57 -34.47 -10.92 11.43
N HIS B 58 -34.36 -9.93 12.30
CA HIS B 58 -35.51 -9.67 13.18
C HIS B 58 -36.77 -9.28 12.40
N HIS B 59 -36.61 -8.72 11.22
CA HIS B 59 -37.76 -8.33 10.40
C HIS B 59 -38.56 -9.57 9.99
N ILE B 60 -37.84 -10.66 9.80
CA ILE B 60 -38.46 -11.91 9.38
C ILE B 60 -39.46 -12.43 10.41
N ASN B 61 -39.25 -12.10 11.69
CA ASN B 61 -40.15 -12.54 12.75
C ASN B 61 -41.51 -11.82 12.71
N GLU B 62 -41.59 -10.76 11.91
CA GLU B 62 -42.82 -9.97 11.80
C GLU B 62 -43.78 -10.41 10.72
N TYR B 63 -43.32 -11.25 9.80
CA TYR B 63 -44.17 -11.71 8.70
C TYR B 63 -44.94 -13.00 9.00
N SER B 64 -46.10 -13.13 8.38
CA SER B 64 -46.92 -14.32 8.54
C SER B 64 -46.29 -15.38 7.65
N ASP B 65 -46.58 -16.65 7.88
CA ASP B 65 -45.98 -17.70 7.06
C ASP B 65 -46.28 -17.46 5.58
N ALA B 66 -47.47 -16.91 5.30
CA ALA B 66 -47.87 -16.63 3.94
C ALA B 66 -46.98 -15.58 3.30
N GLU B 67 -46.72 -14.48 4.02
CA GLU B 67 -45.87 -13.40 3.51
C GLU B 67 -44.45 -13.92 3.29
N LEU B 68 -44.02 -14.82 4.16
CA LEU B 68 -42.70 -15.43 4.05
C LEU B 68 -42.61 -16.30 2.79
N ALA B 69 -43.62 -17.13 2.54
CA ALA B 69 -43.60 -17.98 1.34
C ALA B 69 -43.56 -17.12 0.07
N THR B 70 -44.18 -15.94 0.14
CA THR B 70 -44.17 -15.00 -0.98
C THR B 70 -42.77 -14.43 -1.18
N ILE B 71 -42.11 -14.10 -0.08
CA ILE B 71 -40.75 -13.57 -0.13
C ILE B 71 -39.80 -14.64 -0.67
N ARG B 72 -39.95 -15.88 -0.19
CA ARG B 72 -39.10 -16.98 -0.63
C ARG B 72 -39.25 -17.19 -2.13
N LYS B 73 -40.48 -17.09 -2.63
CA LYS B 73 -40.75 -17.28 -4.05
C LYS B 73 -40.15 -16.15 -4.90
N SER B 74 -40.33 -14.91 -4.43
CA SER B 74 -39.79 -13.76 -5.11
C SER B 74 -38.27 -13.95 -5.29
N ALA B 75 -37.62 -14.43 -4.23
CA ALA B 75 -36.19 -14.65 -4.26
C ALA B 75 -35.83 -15.72 -5.30
N LYS B 76 -36.57 -16.81 -5.30
CA LYS B 76 -36.30 -17.89 -6.25
C LYS B 76 -36.58 -17.41 -7.67
N ASP B 77 -37.67 -16.70 -7.84
CA ASP B 77 -38.04 -16.21 -9.16
C ASP B 77 -36.96 -15.28 -9.73
N ASN B 78 -36.42 -14.41 -8.88
CA ASN B 78 -35.39 -13.47 -9.29
C ASN B 78 -33.99 -14.05 -9.27
N GLY B 79 -33.89 -15.34 -8.96
CA GLY B 79 -32.60 -16.01 -8.90
C GLY B 79 -31.58 -15.45 -7.93
N ILE B 80 -32.06 -14.89 -6.82
CA ILE B 80 -31.17 -14.31 -5.83
C ILE B 80 -31.26 -15.05 -4.50
N ILE B 81 -30.18 -15.02 -3.75
CA ILE B 81 -30.11 -15.69 -2.46
C ILE B 81 -30.22 -14.68 -1.33
N LEU B 82 -30.75 -15.13 -0.20
CA LEU B 82 -30.85 -14.27 0.95
C LEU B 82 -29.89 -14.71 2.04
N THR B 83 -29.31 -13.72 2.69
CA THR B 83 -28.39 -13.90 3.81
C THR B 83 -28.95 -12.92 4.85
N ALA B 84 -28.68 -13.15 6.13
CA ALA B 84 -29.22 -12.24 7.14
C ALA B 84 -28.28 -11.98 8.30
N GLY B 85 -28.42 -10.80 8.87
CA GLY B 85 -27.60 -10.45 10.01
C GLY B 85 -28.48 -10.33 11.25
N ILE B 86 -27.89 -10.55 12.42
CA ILE B 86 -28.64 -10.45 13.68
C ILE B 86 -27.86 -9.58 14.64
N GLY B 87 -28.56 -8.64 15.26
CA GLY B 87 -27.92 -7.77 16.25
C GLY B 87 -28.64 -7.94 17.58
N PRO B 88 -28.17 -8.82 18.46
CA PRO B 88 -28.87 -8.99 19.74
C PRO B 88 -28.90 -7.68 20.52
N SER B 89 -29.91 -7.54 21.40
CA SER B 89 -30.04 -6.33 22.22
C SER B 89 -29.57 -6.55 23.65
N LYS B 90 -29.59 -5.49 24.44
CA LYS B 90 -29.16 -5.55 25.83
C LYS B 90 -30.03 -6.47 26.67
N THR B 91 -31.28 -6.64 26.25
CA THR B 91 -32.22 -7.47 26.98
C THR B 91 -32.35 -8.89 26.46
N LYS B 92 -31.82 -9.15 25.27
CA LYS B 92 -31.90 -10.50 24.72
C LYS B 92 -30.58 -10.86 24.03
N ASN B 93 -29.66 -11.46 24.77
CA ASN B 93 -28.36 -11.86 24.20
C ASN B 93 -27.75 -13.02 24.96
N LEU B 94 -26.73 -13.63 24.37
CA LEU B 94 -26.11 -14.79 24.97
C LEU B 94 -24.94 -14.57 25.93
N SER B 95 -24.49 -13.33 26.10
CA SER B 95 -23.34 -13.10 26.96
C SER B 95 -23.61 -12.43 28.29
N SER B 96 -24.82 -11.94 28.48
CA SER B 96 -25.18 -11.25 29.72
C SER B 96 -24.88 -12.06 30.98
N GLU B 97 -24.52 -11.38 32.05
CA GLU B 97 -24.25 -12.07 33.31
C GLU B 97 -25.61 -12.54 33.86
N ASP B 98 -26.66 -11.84 33.46
CA ASP B 98 -28.02 -12.14 33.91
C ASP B 98 -28.63 -13.34 33.18
N ALA B 99 -28.89 -14.41 33.90
CA ALA B 99 -29.44 -15.62 33.31
C ALA B 99 -30.77 -15.46 32.57
N ALA B 100 -31.56 -14.46 32.97
CA ALA B 100 -32.84 -14.23 32.32
C ALA B 100 -32.61 -13.64 30.94
N VAL B 101 -31.57 -12.82 30.81
CA VAL B 101 -31.26 -12.23 29.54
C VAL B 101 -30.72 -13.34 28.62
N ARG B 102 -29.87 -14.20 29.16
CA ARG B 102 -29.34 -15.29 28.34
C ARG B 102 -30.47 -16.21 27.85
N ALA B 103 -31.47 -16.46 28.71
CA ALA B 103 -32.60 -17.31 28.32
C ALA B 103 -33.42 -16.60 27.25
N ALA B 104 -33.54 -15.28 27.38
CA ALA B 104 -34.28 -14.50 26.39
C ALA B 104 -33.53 -14.54 25.05
N GLY B 105 -32.20 -14.48 25.12
CA GLY B 105 -31.41 -14.54 23.90
C GLY B 105 -31.57 -15.88 23.21
N LYS B 106 -31.49 -16.97 23.98
CA LYS B 106 -31.63 -18.31 23.38
C LYS B 106 -33.00 -18.47 22.73
N ALA B 107 -34.06 -18.10 23.46
CA ALA B 107 -35.41 -18.22 22.94
C ALA B 107 -35.61 -17.40 21.66
N PHE B 108 -35.12 -16.17 21.67
CA PHE B 108 -35.22 -15.27 20.52
C PHE B 108 -34.44 -15.86 19.33
N PHE B 109 -33.23 -16.36 19.60
CA PHE B 109 -32.43 -16.95 18.53
C PHE B 109 -33.15 -18.16 17.91
N GLU B 110 -33.60 -19.09 18.75
CA GLU B 110 -34.26 -20.27 18.22
C GLU B 110 -35.48 -19.91 17.40
N ARG B 111 -36.25 -18.93 17.86
CA ARG B 111 -37.42 -18.50 17.12
C ARG B 111 -37.01 -17.89 15.76
N THR B 112 -36.01 -17.02 15.77
CA THR B 112 -35.54 -16.37 14.55
C THR B 112 -34.96 -17.37 13.55
N LEU B 113 -34.19 -18.33 14.06
CA LEU B 113 -33.60 -19.32 13.18
C LEU B 113 -34.67 -20.13 12.46
N SER B 114 -35.75 -20.47 13.17
CA SER B 114 -36.84 -21.23 12.57
C SER B 114 -37.47 -20.41 11.45
N ASN B 115 -37.63 -19.11 11.67
CA ASN B 115 -38.23 -18.25 10.67
C ASN B 115 -37.33 -18.04 9.47
N VAL B 116 -36.04 -17.87 9.74
CA VAL B 116 -35.05 -17.67 8.70
C VAL B 116 -35.04 -18.87 7.75
N ALA B 117 -35.18 -20.08 8.28
CA ALA B 117 -35.20 -21.27 7.45
C ALA B 117 -36.35 -21.25 6.43
N LYS B 118 -37.43 -20.54 6.75
CA LYS B 118 -38.58 -20.45 5.86
C LYS B 118 -38.28 -19.69 4.58
N LEU B 119 -37.19 -18.91 4.59
CA LEU B 119 -36.79 -18.16 3.41
C LEU B 119 -35.56 -18.80 2.77
N ASP B 120 -35.33 -20.06 3.14
CA ASP B 120 -34.17 -20.81 2.64
C ASP B 120 -32.85 -20.09 2.89
N ILE B 121 -32.75 -19.41 4.04
CA ILE B 121 -31.52 -18.69 4.38
C ILE B 121 -30.60 -19.66 5.09
N HIS B 122 -29.34 -19.70 4.69
CA HIS B 122 -28.40 -20.64 5.29
C HIS B 122 -27.24 -19.98 6.02
N THR B 123 -27.21 -18.66 6.02
CA THR B 123 -26.12 -17.95 6.68
C THR B 123 -26.68 -16.84 7.52
N ILE B 124 -26.33 -16.86 8.81
CA ILE B 124 -26.74 -15.86 9.78
C ILE B 124 -25.45 -15.32 10.40
N GLY B 125 -25.27 -14.00 10.35
CA GLY B 125 -24.06 -13.42 10.89
C GLY B 125 -24.23 -12.18 11.76
N GLY B 126 -23.16 -11.79 12.45
CA GLY B 126 -23.21 -10.61 13.30
C GLY B 126 -22.53 -10.85 14.64
N ALA B 127 -22.78 -9.96 15.59
CA ALA B 127 -22.21 -10.06 16.92
C ALA B 127 -23.06 -11.00 17.78
N LEU B 128 -23.23 -12.22 17.28
CA LEU B 128 -24.07 -13.24 17.92
C LEU B 128 -23.63 -13.63 19.32
N HIS B 129 -22.38 -13.38 19.63
CA HIS B 129 -21.79 -13.70 20.93
C HIS B 129 -22.01 -12.58 21.92
N SER B 130 -22.54 -11.46 21.43
CA SER B 130 -22.67 -10.27 22.26
C SER B 130 -23.96 -9.54 21.94
N TYR B 131 -23.90 -8.22 21.93
CA TYR B 131 -25.08 -7.44 21.59
C TYR B 131 -24.64 -6.04 21.22
N TRP B 132 -25.59 -5.20 20.82
CA TRP B 132 -25.31 -3.82 20.47
C TRP B 132 -26.40 -2.95 21.11
N PRO B 133 -26.05 -1.72 21.54
CA PRO B 133 -24.76 -1.02 21.49
C PRO B 133 -23.63 -1.45 22.44
N ILE B 134 -23.96 -1.59 23.71
CA ILE B 134 -23.00 -1.92 24.78
C ILE B 134 -22.59 -0.57 25.34
N ASP B 135 -22.97 -0.31 26.58
CA ASP B 135 -22.64 0.95 27.22
C ASP B 135 -21.28 0.83 27.88
N TYR B 136 -20.29 1.52 27.31
CA TYR B 136 -18.95 1.45 27.84
C TYR B 136 -18.70 2.40 29.01
N SER B 137 -19.71 3.20 29.36
CA SER B 137 -19.57 4.11 30.49
C SER B 137 -19.63 3.21 31.73
N GLN B 138 -20.21 2.03 31.55
CA GLN B 138 -20.32 1.04 32.63
C GLN B 138 -19.13 0.09 32.51
N PRO B 139 -18.77 -0.60 33.60
CA PRO B 139 -17.63 -1.52 33.52
C PRO B 139 -17.95 -2.70 32.60
N VAL B 140 -16.91 -3.27 32.02
CA VAL B 140 -17.05 -4.39 31.10
C VAL B 140 -16.33 -5.63 31.67
N ASP B 141 -16.81 -6.82 31.34
CA ASP B 141 -16.21 -8.06 31.81
C ASP B 141 -15.85 -8.98 30.63
N LYS B 142 -14.70 -8.71 30.02
CA LYS B 142 -14.25 -9.46 28.86
C LYS B 142 -14.24 -10.97 29.07
N ALA B 143 -13.47 -11.45 30.04
CA ALA B 143 -13.38 -12.89 30.31
C ALA B 143 -14.73 -13.55 30.58
N GLY B 144 -15.59 -12.85 31.31
CA GLY B 144 -16.90 -13.39 31.62
C GLY B 144 -17.79 -13.41 30.39
N ASP B 145 -17.83 -12.31 29.66
CA ASP B 145 -18.66 -12.24 28.46
C ASP B 145 -18.20 -13.27 27.43
N TYR B 146 -16.90 -13.53 27.41
CA TYR B 146 -16.35 -14.48 26.46
C TYR B 146 -16.86 -15.88 26.78
N ALA B 147 -16.69 -16.28 28.05
CA ALA B 147 -17.12 -17.59 28.53
C ALA B 147 -18.61 -17.85 28.30
N ARG B 148 -19.44 -16.88 28.68
CA ARG B 148 -20.88 -17.02 28.51
C ARG B 148 -21.26 -17.04 27.04
N GLY B 149 -20.55 -16.26 26.23
CA GLY B 149 -20.83 -16.23 24.81
C GLY B 149 -20.53 -17.58 24.17
N VAL B 150 -19.40 -18.19 24.54
CA VAL B 150 -19.03 -19.48 24.00
C VAL B 150 -20.13 -20.49 24.34
N GLU B 151 -20.55 -20.46 25.61
CA GLU B 151 -21.60 -21.36 26.10
C GLU B 151 -22.90 -21.14 25.36
N GLY B 152 -23.29 -19.88 25.22
CA GLY B 152 -24.53 -19.56 24.54
C GLY B 152 -24.59 -19.97 23.07
N ILE B 153 -23.50 -19.71 22.35
CA ILE B 153 -23.44 -20.07 20.93
C ILE B 153 -23.42 -21.61 20.81
N ASN B 154 -22.57 -22.26 21.60
CA ASN B 154 -22.49 -23.73 21.57
C ASN B 154 -23.90 -24.27 21.77
N GLY B 155 -24.64 -23.61 22.64
CA GLY B 155 -26.00 -23.99 22.99
C GLY B 155 -27.05 -23.93 21.91
N ILE B 156 -26.88 -23.10 20.89
CA ILE B 156 -27.88 -23.03 19.82
C ILE B 156 -27.34 -23.56 18.49
N ALA B 157 -26.07 -23.98 18.48
CA ALA B 157 -25.46 -24.46 17.24
C ALA B 157 -26.18 -25.66 16.60
N ASP B 158 -26.45 -26.70 17.39
CA ASP B 158 -27.13 -27.88 16.85
C ASP B 158 -28.49 -27.52 16.28
N PHE B 159 -29.18 -26.59 16.94
CA PHE B 159 -30.48 -26.13 16.49
C PHE B 159 -30.35 -25.48 15.09
N ALA B 160 -29.32 -24.66 14.94
CA ALA B 160 -29.11 -24.00 13.65
C ALA B 160 -28.67 -25.05 12.64
N ASN B 161 -27.82 -25.99 13.07
CA ASN B 161 -27.32 -27.00 12.16
C ASN B 161 -28.48 -27.85 11.62
N ASP B 162 -29.42 -28.23 12.48
CA ASP B 162 -30.55 -29.02 12.03
C ASP B 162 -31.36 -28.28 10.97
N LEU B 163 -31.21 -26.97 10.91
CA LEU B 163 -31.92 -26.17 9.92
C LEU B 163 -31.00 -25.80 8.74
N GLY B 164 -29.77 -26.33 8.75
CA GLY B 164 -28.84 -26.03 7.67
C GLY B 164 -28.33 -24.60 7.72
N ILE B 165 -28.19 -24.06 8.93
CA ILE B 165 -27.73 -22.69 9.10
C ILE B 165 -26.36 -22.58 9.77
N ASN B 166 -25.48 -21.77 9.17
CA ASN B 166 -24.16 -21.52 9.74
C ASN B 166 -24.28 -20.21 10.52
N LEU B 167 -23.75 -20.19 11.74
CA LEU B 167 -23.77 -18.99 12.58
C LEU B 167 -22.37 -18.38 12.44
N CYS B 168 -22.26 -17.18 11.89
CA CYS B 168 -20.96 -16.56 11.69
C CYS B 168 -20.74 -15.42 12.68
N ILE B 169 -19.73 -15.59 13.52
CA ILE B 169 -19.38 -14.65 14.58
C ILE B 169 -18.55 -13.49 14.06
N GLU B 170 -19.13 -12.29 14.06
CA GLU B 170 -18.43 -11.14 13.53
C GLU B 170 -17.41 -10.49 14.45
N VAL B 171 -16.20 -10.31 13.92
CA VAL B 171 -15.12 -9.66 14.67
C VAL B 171 -15.32 -8.17 14.42
N LEU B 172 -15.43 -7.39 15.50
CA LEU B 172 -15.68 -5.97 15.39
C LEU B 172 -14.55 -5.11 15.96
N ASN B 173 -14.59 -3.81 15.67
CA ASN B 173 -13.56 -2.92 16.19
C ASN B 173 -13.87 -2.59 17.65
N ARG B 174 -12.85 -2.08 18.35
CA ARG B 174 -12.90 -1.75 19.77
C ARG B 174 -14.04 -0.85 20.21
N PHE B 175 -14.52 0.01 19.32
CA PHE B 175 -15.60 0.92 19.71
C PHE B 175 -16.96 0.23 19.77
N GLU B 176 -17.06 -0.94 19.15
CA GLU B 176 -18.33 -1.66 19.11
C GLU B 176 -18.38 -2.97 19.90
N ASN B 177 -17.22 -3.56 20.16
CA ASN B 177 -17.19 -4.79 20.93
C ASN B 177 -15.88 -4.85 21.68
N HIS B 178 -15.90 -5.51 22.83
CA HIS B 178 -14.72 -5.64 23.69
C HIS B 178 -14.22 -7.09 23.81
N VAL B 179 -14.95 -8.03 23.22
CA VAL B 179 -14.55 -9.43 23.31
C VAL B 179 -13.71 -9.95 22.14
N LEU B 180 -14.22 -9.83 20.93
CA LEU B 180 -13.51 -10.29 19.74
C LEU B 180 -13.21 -9.11 18.83
N ASN B 181 -11.95 -8.70 18.78
CA ASN B 181 -11.52 -7.57 17.95
C ASN B 181 -10.62 -7.97 16.80
N THR B 182 -10.04 -9.16 16.85
CA THR B 182 -9.15 -9.62 15.76
C THR B 182 -9.53 -11.00 15.28
N ALA B 183 -9.09 -11.33 14.07
CA ALA B 183 -9.35 -12.64 13.50
C ALA B 183 -8.87 -13.74 14.45
N ALA B 184 -7.66 -13.59 15.02
CA ALA B 184 -7.12 -14.60 15.94
C ALA B 184 -8.05 -14.79 17.13
N GLU B 185 -8.59 -13.71 17.69
CA GLU B 185 -9.51 -13.85 18.81
C GLU B 185 -10.79 -14.57 18.35
N GLY B 186 -11.27 -14.21 17.16
CA GLY B 186 -12.47 -14.84 16.63
C GLY B 186 -12.26 -16.34 16.46
N VAL B 187 -11.11 -16.71 15.93
CA VAL B 187 -10.75 -18.11 15.72
C VAL B 187 -10.73 -18.87 17.06
N ALA B 188 -10.12 -18.28 18.09
CA ALA B 188 -10.05 -18.93 19.40
C ALA B 188 -11.45 -19.17 19.93
N PHE B 189 -12.33 -18.18 19.79
CA PHE B 189 -13.71 -18.29 20.26
C PHE B 189 -14.42 -19.44 19.52
N VAL B 190 -14.32 -19.44 18.19
CA VAL B 190 -14.96 -20.48 17.40
C VAL B 190 -14.41 -21.86 17.74
N LYS B 191 -13.11 -21.97 17.95
CA LYS B 191 -12.55 -23.26 18.31
C LYS B 191 -13.11 -23.69 19.66
N ASP B 192 -13.29 -22.74 20.58
CA ASP B 192 -13.82 -23.09 21.90
C ASP B 192 -15.27 -23.58 21.79
N VAL B 193 -16.03 -23.00 20.87
CA VAL B 193 -17.42 -23.40 20.68
C VAL B 193 -17.46 -24.84 20.22
N GLY B 194 -16.52 -25.19 19.35
CA GLY B 194 -16.43 -26.54 18.85
C GLY B 194 -17.58 -27.10 18.04
N LYS B 195 -18.23 -26.28 17.23
CA LYS B 195 -19.34 -26.76 16.41
C LYS B 195 -18.99 -26.53 14.95
N ASN B 196 -19.27 -27.52 14.10
CA ASN B 196 -18.95 -27.43 12.68
C ASN B 196 -19.63 -26.30 11.93
N ASN B 197 -20.83 -25.92 12.36
CA ASN B 197 -21.57 -24.87 11.68
C ASN B 197 -21.40 -23.48 12.29
N VAL B 198 -20.40 -23.31 13.14
CA VAL B 198 -20.12 -21.99 13.74
C VAL B 198 -18.82 -21.53 13.11
N LYS B 199 -18.87 -20.38 12.46
CA LYS B 199 -17.74 -19.82 11.72
C LYS B 199 -17.33 -18.42 12.15
N VAL B 200 -16.15 -17.99 11.70
CA VAL B 200 -15.66 -16.64 11.98
C VAL B 200 -16.16 -15.74 10.84
N LEU B 202 -15.42 -11.88 9.10
CA LEU B 202 -14.57 -10.69 9.11
C LEU B 202 -15.21 -9.57 8.29
N ASP B 203 -14.88 -8.33 8.63
CA ASP B 203 -15.44 -7.15 7.97
C ASP B 203 -14.27 -6.18 7.74
N THR B 204 -14.03 -5.76 6.49
CA THR B 204 -12.90 -4.88 6.19
C THR B 204 -12.91 -3.56 6.96
N PHE B 205 -14.09 -3.04 7.26
CA PHE B 205 -14.19 -1.80 8.02
C PHE B 205 -13.60 -2.00 9.41
N HIS B 206 -13.93 -3.13 10.03
CA HIS B 206 -13.43 -3.44 11.37
C HIS B 206 -11.97 -3.85 11.37
N ASN B 208 -9.76 -2.88 9.33
CA ASN B 208 -8.98 -1.68 9.05
C ASN B 208 -8.48 -1.00 10.31
N ILE B 209 -9.24 -1.10 11.38
CA ILE B 209 -8.82 -0.49 12.61
C ILE B 209 -7.91 -1.41 13.45
N GLU B 210 -8.37 -2.63 13.69
CA GLU B 210 -7.67 -3.56 14.56
C GLU B 210 -6.54 -4.47 14.08
N GLU B 211 -6.62 -4.95 12.84
CA GLU B 211 -5.65 -5.91 12.34
C GLU B 211 -4.28 -5.40 12.00
N ASP B 212 -3.28 -6.24 12.25
CA ASP B 212 -1.90 -5.91 11.91
C ASP B 212 -1.83 -6.02 10.38
N SER B 213 -2.51 -7.01 9.81
CA SER B 213 -2.50 -7.22 8.35
C SER B 213 -3.80 -7.83 7.81
N PHE B 214 -4.34 -7.26 6.72
CA PHE B 214 -5.57 -7.78 6.15
C PHE B 214 -5.39 -9.21 5.67
N GLY B 215 -4.32 -9.45 4.92
CA GLY B 215 -4.04 -10.77 4.41
C GLY B 215 -3.79 -11.79 5.50
N ASP B 216 -3.04 -11.40 6.53
CA ASP B 216 -2.74 -12.34 7.61
C ASP B 216 -4.00 -12.68 8.40
N ALA B 217 -4.91 -11.71 8.57
CA ALA B 217 -6.16 -11.95 9.29
C ALA B 217 -7.02 -13.00 8.56
N ILE B 218 -7.11 -12.84 7.24
CA ILE B 218 -7.89 -13.76 6.44
C ILE B 218 -7.29 -15.17 6.47
N ARG B 219 -5.97 -15.27 6.36
CA ARG B 219 -5.27 -16.56 6.40
C ARG B 219 -5.47 -17.22 7.79
N THR B 220 -5.45 -16.38 8.83
CA THR B 220 -5.65 -16.86 10.18
C THR B 220 -7.06 -17.47 10.29
N ALA B 221 -8.06 -16.77 9.77
CA ALA B 221 -9.42 -17.28 9.78
C ALA B 221 -9.40 -18.61 9.03
N GLY B 222 -8.76 -18.61 7.87
CA GLY B 222 -8.64 -19.83 7.08
C GLY B 222 -9.94 -20.55 6.82
N PRO B 223 -9.99 -21.87 7.08
CA PRO B 223 -11.15 -22.74 6.88
C PRO B 223 -12.35 -22.32 7.73
N LEU B 224 -12.10 -21.51 8.75
CA LEU B 224 -13.20 -21.08 9.61
C LEU B 224 -13.95 -19.84 9.13
N LEU B 225 -13.44 -19.18 8.09
CA LEU B 225 -14.10 -17.99 7.53
C LEU B 225 -15.40 -18.44 6.89
N GLY B 226 -16.54 -17.97 7.43
CA GLY B 226 -17.83 -18.35 6.87
C GLY B 226 -18.67 -17.23 6.27
N HIS B 227 -18.26 -15.98 6.44
CA HIS B 227 -19.00 -14.84 5.88
C HIS B 227 -18.01 -13.66 5.83
N PHE B 228 -18.25 -12.70 4.94
CA PHE B 228 -17.31 -11.58 4.76
C PHE B 228 -18.00 -10.29 4.35
N HIS B 229 -17.70 -9.20 5.05
CA HIS B 229 -18.29 -7.89 4.78
C HIS B 229 -17.22 -6.94 4.23
N THR B 230 -17.61 -6.11 3.26
CA THR B 230 -16.67 -5.18 2.65
C THR B 230 -17.22 -3.75 2.65
N GLY B 231 -16.28 -2.81 2.68
CA GLY B 231 -16.58 -1.39 2.68
C GLY B 231 -15.22 -0.71 2.83
N GLU B 232 -15.11 0.55 2.43
CA GLU B 232 -13.85 1.26 2.57
C GLU B 232 -13.74 1.66 4.04
N SER B 233 -12.59 2.20 4.43
CA SER B 233 -12.37 2.59 5.83
C SER B 233 -13.45 3.51 6.41
N ASN B 234 -14.06 4.33 5.58
CA ASN B 234 -15.10 5.23 6.07
C ASN B 234 -16.48 4.76 5.58
N ARG B 235 -16.54 3.52 5.14
CA ARG B 235 -17.77 2.85 4.72
C ARG B 235 -18.36 3.16 3.34
N ARG B 236 -17.56 3.68 2.42
CA ARG B 236 -18.04 3.94 1.07
C ARG B 236 -18.02 2.57 0.37
N VAL B 237 -18.63 2.47 -0.81
CA VAL B 237 -18.63 1.18 -1.49
C VAL B 237 -17.22 0.77 -1.89
N PRO B 238 -16.98 -0.55 -2.02
CA PRO B 238 -15.66 -1.05 -2.41
C PRO B 238 -15.17 -0.46 -3.74
N GLY B 239 -13.92 0.00 -3.77
CA GLY B 239 -13.37 0.54 -4.99
C GLY B 239 -13.23 2.05 -4.93
N LYS B 240 -13.95 2.69 -4.01
CA LYS B 240 -13.88 4.14 -3.86
C LYS B 240 -12.65 4.58 -3.10
N GLY B 241 -12.05 3.68 -2.32
CA GLY B 241 -10.92 4.08 -1.49
C GLY B 241 -9.59 3.36 -1.55
N ARG B 242 -8.83 3.50 -0.46
CA ARG B 242 -7.50 2.94 -0.34
C ARG B 242 -7.34 1.53 0.23
N PRO B 244 -6.68 -2.27 0.71
CA PRO B 244 -5.79 -3.16 -0.07
C PRO B 244 -6.60 -4.29 -0.70
N TRP B 245 -7.46 -3.97 -1.66
CA TRP B 245 -8.30 -4.99 -2.28
C TRP B 245 -7.55 -6.13 -2.96
N HIS B 246 -6.44 -5.82 -3.62
CA HIS B 246 -5.68 -6.87 -4.30
C HIS B 246 -5.17 -7.89 -3.25
N GLU B 247 -4.65 -7.39 -2.14
CA GLU B 247 -4.14 -8.24 -1.07
C GLU B 247 -5.28 -9.07 -0.45
N ILE B 248 -6.44 -8.45 -0.28
CA ILE B 248 -7.59 -9.15 0.29
C ILE B 248 -8.04 -10.27 -0.65
N GLY B 249 -8.10 -9.97 -1.95
CA GLY B 249 -8.52 -10.95 -2.91
C GLY B 249 -7.59 -12.14 -2.92
N LEU B 250 -6.29 -11.85 -2.87
CA LEU B 250 -5.28 -12.89 -2.85
C LEU B 250 -5.47 -13.80 -1.64
N ALA B 251 -5.69 -13.19 -0.48
CA ALA B 251 -5.88 -13.94 0.76
C ALA B 251 -7.13 -14.81 0.66
N LEU B 252 -8.25 -14.24 0.23
CA LEU B 252 -9.48 -15.03 0.11
C LEU B 252 -9.26 -16.26 -0.79
N ARG B 253 -8.43 -16.11 -1.81
CA ARG B 253 -8.14 -17.23 -2.70
C ARG B 253 -7.16 -18.21 -2.07
N ASP B 254 -6.23 -17.71 -1.27
CA ASP B 254 -5.27 -18.57 -0.59
C ASP B 254 -6.05 -19.58 0.24
N ILE B 255 -7.13 -19.15 0.89
CA ILE B 255 -7.90 -20.05 1.74
C ILE B 255 -9.09 -20.69 1.06
N ASN B 256 -9.12 -20.59 -0.27
CA ASN B 256 -10.20 -21.15 -1.07
C ASN B 256 -11.57 -20.74 -0.53
N TYR B 257 -11.74 -19.46 -0.25
CA TYR B 257 -13.01 -18.97 0.27
C TYR B 257 -14.11 -19.05 -0.78
N THR B 258 -15.17 -19.77 -0.46
CA THR B 258 -16.25 -19.91 -1.42
C THR B 258 -17.55 -19.37 -0.85
N GLY B 259 -17.46 -18.59 0.22
CA GLY B 259 -18.63 -18.02 0.84
C GLY B 259 -19.07 -16.74 0.16
N ALA B 260 -19.84 -15.94 0.90
CA ALA B 260 -20.37 -14.70 0.39
C ALA B 260 -19.50 -13.48 0.71
N VAL B 261 -19.57 -12.50 -0.17
CA VAL B 261 -18.84 -11.26 0.02
C VAL B 261 -19.94 -10.23 -0.06
N ILE B 262 -20.30 -9.65 1.09
CA ILE B 262 -21.39 -8.68 1.16
C ILE B 262 -20.85 -7.27 1.39
N GLU B 264 -21.27 -3.64 2.59
CA GLU B 264 -22.11 -3.05 3.62
C GLU B 264 -21.79 -1.57 3.70
N PRO B 265 -22.17 -0.81 2.66
CA PRO B 265 -21.86 0.62 2.68
C PRO B 265 -22.93 1.48 3.34
N PHE B 266 -22.49 2.53 4.02
CA PHE B 266 -23.35 3.48 4.71
C PHE B 266 -22.78 4.83 4.39
N VAL B 267 -23.39 5.53 3.44
CA VAL B 267 -22.87 6.82 3.03
C VAL B 267 -23.88 7.94 3.17
N LYS B 268 -25.03 7.65 3.77
CA LYS B 268 -26.08 8.66 3.94
C LYS B 268 -26.29 9.06 5.39
N THR B 269 -26.38 10.37 5.62
CA THR B 269 -26.62 10.89 6.96
C THR B 269 -28.12 10.86 7.24
N GLY B 270 -28.50 11.08 8.49
CA GLY B 270 -29.92 11.10 8.83
C GLY B 270 -30.59 9.79 9.18
N GLY B 271 -31.69 9.90 9.92
CA GLY B 271 -32.43 8.73 10.33
C GLY B 271 -31.70 7.93 11.38
N THR B 272 -32.34 6.85 11.81
CA THR B 272 -31.77 5.98 12.83
C THR B 272 -30.48 5.34 12.33
N ILE B 273 -30.43 5.05 11.03
CA ILE B 273 -29.22 4.44 10.47
C ILE B 273 -28.07 5.41 10.55
N GLY B 274 -28.33 6.65 10.15
CA GLY B 274 -27.28 7.65 10.18
C GLY B 274 -26.68 7.83 11.55
N SER B 275 -27.52 7.88 12.57
CA SER B 275 -27.00 8.07 13.92
C SER B 275 -26.39 6.80 14.52
N ASP B 276 -26.97 5.64 14.24
CA ASP B 276 -26.43 4.38 14.77
C ASP B 276 -25.09 4.00 14.15
N ILE B 277 -24.93 4.27 12.87
CA ILE B 277 -23.69 3.98 12.14
C ILE B 277 -22.77 5.20 12.21
N LYS B 278 -23.24 6.25 12.86
CA LYS B 278 -22.45 7.47 13.05
C LYS B 278 -21.95 8.05 11.74
N VAL B 279 -22.87 8.20 10.79
CA VAL B 279 -22.59 8.78 9.50
C VAL B 279 -22.90 10.27 9.70
N TRP B 280 -21.90 11.01 10.16
CA TRP B 280 -22.06 12.42 10.45
C TRP B 280 -21.95 13.35 9.23
N ARG B 281 -21.49 12.83 8.10
CA ARG B 281 -21.37 13.64 6.90
C ARG B 281 -21.75 12.78 5.72
N ASP B 282 -22.18 13.40 4.63
CA ASP B 282 -22.56 12.64 3.46
C ASP B 282 -21.30 12.13 2.76
N LEU B 283 -21.32 10.89 2.32
CA LEU B 283 -20.15 10.34 1.63
C LEU B 283 -20.58 9.77 0.29
N SER B 284 -21.80 10.10 -0.11
CA SER B 284 -22.37 9.63 -1.36
C SER B 284 -22.21 10.64 -2.49
N GLY B 285 -21.72 11.82 -2.15
CA GLY B 285 -21.55 12.88 -3.14
C GLY B 285 -22.91 13.45 -3.53
N GLY B 286 -23.85 13.45 -2.58
CA GLY B 286 -25.19 13.96 -2.85
C GLY B 286 -25.92 13.17 -3.90
N ALA B 287 -25.65 11.86 -3.92
CA ALA B 287 -26.24 10.96 -4.91
C ALA B 287 -27.76 10.75 -4.83
N ASP B 288 -28.41 10.75 -5.98
CA ASP B 288 -29.84 10.44 -6.00
C ASP B 288 -29.87 8.92 -6.11
N ILE B 289 -31.05 8.31 -6.16
CA ILE B 289 -31.12 6.85 -6.22
C ILE B 289 -30.35 6.24 -7.39
N ALA B 290 -30.43 6.85 -8.57
CA ALA B 290 -29.73 6.33 -9.75
C ALA B 290 -28.20 6.29 -9.52
N LYS B 291 -27.67 7.33 -8.92
CA LYS B 291 -26.24 7.41 -8.65
C LYS B 291 -25.85 6.38 -7.57
N ASP B 293 -27.34 3.49 -7.10
CA ASP B 293 -27.40 2.22 -7.83
C ASP B 293 -26.14 2.01 -8.69
N GLU B 294 -25.70 3.09 -9.33
CA GLU B 294 -24.53 3.04 -10.18
C GLU B 294 -23.30 2.70 -9.35
N ASP B 295 -23.13 3.40 -8.23
CA ASP B 295 -21.99 3.13 -7.34
C ASP B 295 -21.99 1.67 -6.91
N ALA B 296 -23.18 1.15 -6.60
CA ALA B 296 -23.32 -0.24 -6.19
C ALA B 296 -22.96 -1.17 -7.36
N ARG B 297 -23.50 -0.88 -8.54
CA ARG B 297 -23.23 -1.70 -9.70
C ARG B 297 -21.73 -1.68 -10.03
N ASN B 298 -21.11 -0.50 -9.94
CA ASN B 298 -19.69 -0.41 -10.21
C ASN B 298 -18.84 -1.12 -9.15
N ALA B 299 -19.22 -1.01 -7.88
CA ALA B 299 -18.46 -1.69 -6.80
C ALA B 299 -18.58 -3.21 -6.98
N LEU B 300 -19.73 -3.66 -7.46
CA LEU B 300 -19.99 -5.08 -7.69
C LEU B 300 -19.02 -5.60 -8.76
N ALA B 301 -18.91 -4.89 -9.87
CA ALA B 301 -18.00 -5.30 -10.95
C ALA B 301 -16.55 -5.26 -10.43
N PHE B 302 -16.23 -4.23 -9.67
CA PHE B 302 -14.89 -4.05 -9.08
C PHE B 302 -14.58 -5.27 -8.18
N SER B 303 -15.58 -5.66 -7.38
CA SER B 303 -15.39 -6.78 -6.47
C SER B 303 -15.23 -8.13 -7.18
N ARG B 304 -16.01 -8.36 -8.23
CA ARG B 304 -15.89 -9.61 -8.95
C ARG B 304 -14.53 -9.69 -9.64
N PHE B 305 -14.06 -8.56 -10.14
CA PHE B 305 -12.79 -8.53 -10.86
C PHE B 305 -11.58 -8.65 -9.93
N VAL B 306 -11.57 -7.89 -8.84
CA VAL B 306 -10.44 -7.88 -7.92
C VAL B 306 -10.47 -8.95 -6.83
N LEU B 307 -11.66 -9.24 -6.30
CA LEU B 307 -11.78 -10.25 -5.24
C LEU B 307 -11.95 -11.67 -5.78
N GLY B 308 -12.63 -11.81 -6.92
CA GLY B 308 -12.79 -13.14 -7.49
C GLY B 308 -14.21 -13.65 -7.56
N GLY B 309 -14.35 -14.91 -7.99
CA GLY B 309 -15.66 -15.53 -8.12
C GLY B 309 -16.46 -14.96 -9.26
N LYS C 22 10.02 18.39 15.03
CA LYS C 22 10.49 17.78 16.28
C LYS C 22 9.64 16.58 16.70
N HIS C 23 10.27 15.59 17.33
CA HIS C 23 9.56 14.38 17.74
C HIS C 23 9.38 14.22 19.23
N GLY C 24 8.18 13.76 19.61
CA GLY C 24 7.88 13.57 21.01
C GLY C 24 7.02 12.33 21.22
N ILE C 25 6.72 12.05 22.49
CA ILE C 25 5.86 10.91 22.82
C ILE C 25 4.94 11.33 23.98
N TYR C 26 3.71 10.83 23.97
CA TYR C 26 2.75 11.15 25.03
C TYR C 26 3.16 10.22 26.16
N TYR C 27 3.50 10.78 27.31
CA TYR C 27 4.00 9.96 28.39
C TYR C 27 3.10 8.86 28.95
N SER C 28 1.79 8.96 28.77
CA SER C 28 0.91 7.91 29.31
C SER C 28 1.10 6.58 28.63
N TYR C 29 1.96 6.56 27.61
CA TYR C 29 2.33 5.34 26.89
C TYR C 29 2.78 4.28 27.90
N TRP C 30 3.46 4.70 28.94
CA TRP C 30 3.97 3.77 29.96
C TRP C 30 3.02 3.48 31.13
N GLU C 31 1.85 4.11 31.16
CA GLU C 31 0.95 3.92 32.30
C GLU C 31 -0.37 3.20 32.03
N HIS C 32 -1.10 2.94 33.11
CA HIS C 32 -2.41 2.28 33.05
C HIS C 32 -3.47 3.24 33.53
N GLU C 33 -3.01 4.29 34.19
CA GLU C 33 -3.90 5.27 34.81
C GLU C 33 -3.54 6.69 34.38
N TRP C 34 -4.56 7.51 34.13
CA TRP C 34 -4.38 8.91 33.73
C TRP C 34 -3.79 9.68 34.90
N SER C 35 -4.14 9.24 36.11
CA SER C 35 -3.69 9.89 37.33
C SER C 35 -2.19 9.91 37.53
N ALA C 36 -1.47 9.01 36.86
CA ALA C 36 -0.02 8.96 37.00
C ALA C 36 0.58 10.31 36.58
N LYS C 37 1.50 10.82 37.39
CA LYS C 37 2.12 12.13 37.14
C LYS C 37 3.20 12.08 36.08
N PHE C 38 3.42 13.20 35.41
CA PHE C 38 4.41 13.25 34.33
C PHE C 38 5.81 13.73 34.77
N GLY C 39 5.86 14.40 35.92
CA GLY C 39 7.11 14.92 36.46
C GLY C 39 8.31 13.99 36.28
N PRO C 40 8.25 12.75 36.77
CA PRO C 40 9.35 11.80 36.63
C PRO C 40 9.66 11.42 35.19
N TYR C 41 8.72 11.65 34.28
CA TYR C 41 8.92 11.29 32.88
C TYR C 41 9.74 12.30 32.07
N ILE C 42 9.86 13.53 32.58
CA ILE C 42 10.62 14.56 31.88
C ILE C 42 12.00 14.01 31.57
N GLU C 43 12.74 13.61 32.59
CA GLU C 43 14.09 13.11 32.39
C GLU C 43 14.13 11.78 31.64
N LYS C 44 13.22 10.88 31.97
CA LYS C 44 13.19 9.57 31.34
C LYS C 44 13.04 9.72 29.82
N VAL C 45 12.06 10.50 29.40
CA VAL C 45 11.79 10.71 27.97
C VAL C 45 12.94 11.45 27.27
N ALA C 46 13.55 12.39 27.97
CA ALA C 46 14.66 13.13 27.38
C ALA C 46 15.83 12.17 27.10
N LYS C 47 16.14 11.29 28.04
CA LYS C 47 17.25 10.37 27.83
C LYS C 47 16.95 9.33 26.76
N LEU C 48 15.69 9.10 26.44
CA LEU C 48 15.39 8.14 25.39
C LEU C 48 15.67 8.81 24.04
N GLY C 49 15.87 10.12 24.05
CA GLY C 49 16.18 10.84 22.82
C GLY C 49 15.14 11.75 22.21
N PHE C 50 13.95 11.80 22.79
CA PHE C 50 12.88 12.63 22.26
C PHE C 50 13.12 14.12 22.42
N ASP C 51 12.57 14.90 21.49
CA ASP C 51 12.70 16.36 21.51
C ASP C 51 11.64 16.95 22.42
N ILE C 52 10.52 16.24 22.51
CA ILE C 52 9.35 16.70 23.26
C ILE C 52 8.66 15.62 24.07
N ILE C 53 8.01 16.04 25.16
CA ILE C 53 7.21 15.13 25.94
C ILE C 53 5.84 15.82 26.01
N GLU C 54 4.78 15.12 25.58
CA GLU C 54 3.40 15.64 25.62
C GLU C 54 2.83 15.26 26.97
N VAL C 55 2.07 16.18 27.54
CA VAL C 55 1.50 16.02 28.86
C VAL C 55 0.03 16.41 28.86
N ALA C 56 -0.69 16.01 29.90
CA ALA C 56 -2.09 16.36 30.04
C ALA C 56 -2.18 17.69 30.80
N ALA C 57 -2.83 18.68 30.19
CA ALA C 57 -2.93 19.99 30.83
C ALA C 57 -3.64 19.98 32.18
N HIS C 58 -4.53 19.02 32.41
CA HIS C 58 -5.26 18.99 33.68
C HIS C 58 -4.36 18.67 34.87
N HIS C 59 -3.26 17.96 34.62
CA HIS C 59 -2.31 17.64 35.67
C HIS C 59 -1.62 18.93 36.09
N ILE C 60 -1.43 19.82 35.13
CA ILE C 60 -0.77 21.09 35.39
C ILE C 60 -1.57 21.89 36.41
N ASN C 61 -2.89 21.83 36.32
CA ASN C 61 -3.76 22.57 37.24
C ASN C 61 -3.67 22.05 38.69
N GLU C 62 -2.98 20.93 38.89
CA GLU C 62 -2.88 20.35 40.24
C GLU C 62 -1.55 20.57 40.96
N TYR C 63 -0.56 21.13 40.29
CA TYR C 63 0.72 21.38 40.94
C TYR C 63 0.78 22.78 41.54
N SER C 64 1.52 22.93 42.64
CA SER C 64 1.67 24.24 43.27
C SER C 64 2.67 25.01 42.44
N ASP C 65 2.76 26.32 42.66
CA ASP C 65 3.70 27.14 41.90
C ASP C 65 5.13 26.66 42.02
N ALA C 66 5.52 26.23 43.20
CA ALA C 66 6.88 25.74 43.42
C ALA C 66 7.12 24.48 42.59
N GLU C 67 6.11 23.63 42.52
CA GLU C 67 6.24 22.40 41.75
C GLU C 67 6.36 22.70 40.26
N LEU C 68 5.60 23.68 39.78
CA LEU C 68 5.65 24.07 38.37
C LEU C 68 7.01 24.66 38.04
N ALA C 69 7.59 25.39 38.99
CA ALA C 69 8.91 25.99 38.79
C ALA C 69 9.96 24.89 38.65
N THR C 70 9.86 23.89 39.50
CA THR C 70 10.77 22.76 39.47
C THR C 70 10.67 22.02 38.14
N ILE C 71 9.45 21.71 37.73
CA ILE C 71 9.20 21.01 36.48
C ILE C 71 9.76 21.79 35.30
N ARG C 72 9.50 23.11 35.27
CA ARG C 72 9.98 23.94 34.19
C ARG C 72 11.51 23.89 34.13
N LYS C 73 12.14 23.90 35.29
CA LYS C 73 13.60 23.88 35.39
C LYS C 73 14.11 22.51 34.93
N SER C 74 13.39 21.47 35.29
CA SER C 74 13.77 20.10 34.93
C SER C 74 13.79 19.93 33.42
N ALA C 75 12.77 20.47 32.74
CA ALA C 75 12.68 20.35 31.29
C ALA C 75 13.83 21.08 30.64
N LYS C 76 14.15 22.27 31.12
CA LYS C 76 15.26 22.99 30.51
C LYS C 76 16.59 22.29 30.75
N ASP C 77 16.82 21.81 31.97
CA ASP C 77 18.08 21.14 32.26
C ASP C 77 18.25 19.89 31.39
N ASN C 78 17.14 19.21 31.09
CA ASN C 78 17.18 18.00 30.29
C ASN C 78 17.06 18.23 28.80
N GLY C 79 17.03 19.50 28.39
CA GLY C 79 16.94 19.83 26.98
C GLY C 79 15.74 19.22 26.28
N ILE C 80 14.56 19.33 26.88
CA ILE C 80 13.35 18.77 26.27
C ILE C 80 12.20 19.76 26.40
N ILE C 81 11.34 19.79 25.38
CA ILE C 81 10.20 20.70 25.33
C ILE C 81 8.90 20.02 25.73
N LEU C 82 8.02 20.76 26.40
CA LEU C 82 6.74 20.20 26.76
C LEU C 82 5.65 20.76 25.87
N THR C 83 4.71 19.89 25.52
CA THR C 83 3.56 20.25 24.73
C THR C 83 2.43 19.61 25.53
N ALA C 84 1.20 20.03 25.34
CA ALA C 84 0.13 19.44 26.13
C ALA C 84 -1.22 19.34 25.44
N GLY C 85 -2.07 18.45 25.95
CA GLY C 85 -3.39 18.25 25.41
C GLY C 85 -4.45 18.68 26.41
N ILE C 86 -5.61 19.09 25.91
CA ILE C 86 -6.73 19.51 26.75
C ILE C 86 -7.89 18.60 26.43
N GLY C 87 -8.55 18.10 27.47
CA GLY C 87 -9.71 17.24 27.25
C GLY C 87 -10.88 17.79 28.05
N PRO C 88 -11.69 18.66 27.44
CA PRO C 88 -12.84 19.24 28.16
C PRO C 88 -13.85 18.18 28.61
N SER C 89 -14.52 18.42 29.72
CA SER C 89 -15.52 17.46 30.19
C SER C 89 -16.86 18.00 29.75
N LYS C 90 -17.93 17.24 29.98
CA LYS C 90 -19.27 17.68 29.59
C LYS C 90 -19.71 18.91 30.39
N THR C 91 -19.06 19.13 31.52
CA THR C 91 -19.37 20.26 32.40
C THR C 91 -18.71 21.55 31.94
N LYS C 92 -17.63 21.43 31.19
CA LYS C 92 -16.92 22.62 30.74
C LYS C 92 -16.55 22.60 29.26
N ASN C 93 -17.53 22.41 28.38
CA ASN C 93 -17.20 22.40 26.97
C ASN C 93 -17.78 23.62 26.28
N LEU C 94 -16.99 24.18 25.38
CA LEU C 94 -17.38 25.37 24.66
C LEU C 94 -18.51 25.21 23.66
N SER C 95 -18.85 23.95 23.33
CA SER C 95 -19.89 23.70 22.36
C SER C 95 -21.28 23.50 22.94
N SER C 96 -21.37 23.43 24.27
CA SER C 96 -22.66 23.20 24.92
C SER C 96 -23.73 24.22 24.57
N GLU C 97 -24.96 23.74 24.44
CA GLU C 97 -26.04 24.65 24.14
C GLU C 97 -26.43 25.40 25.41
N ASP C 98 -26.02 24.88 26.56
CA ASP C 98 -26.29 25.52 27.84
C ASP C 98 -25.29 26.66 28.04
N ALA C 99 -25.80 27.88 28.11
CA ALA C 99 -24.95 29.07 28.29
C ALA C 99 -24.02 28.99 29.50
N ALA C 100 -24.50 28.39 30.58
CA ALA C 100 -23.70 28.28 31.80
C ALA C 100 -22.54 27.31 31.59
N VAL C 101 -22.78 26.25 30.83
CA VAL C 101 -21.71 25.30 30.56
C VAL C 101 -20.66 25.99 29.72
N ARG C 102 -21.08 26.78 28.73
CA ARG C 102 -20.14 27.48 27.87
C ARG C 102 -19.31 28.45 28.70
N ALA C 103 -19.95 29.08 29.68
CA ALA C 103 -19.24 30.02 30.56
C ALA C 103 -18.23 29.26 31.42
N ALA C 104 -18.65 28.11 31.94
CA ALA C 104 -17.76 27.29 32.76
C ALA C 104 -16.60 26.86 31.87
N GLY C 105 -16.92 26.48 30.64
CA GLY C 105 -15.89 26.05 29.70
C GLY C 105 -14.86 27.14 29.47
N LYS C 106 -15.33 28.36 29.25
CA LYS C 106 -14.42 29.47 29.01
C LYS C 106 -13.51 29.69 30.23
N ALA C 107 -14.07 29.59 31.43
CA ALA C 107 -13.27 29.78 32.64
C ALA C 107 -12.24 28.65 32.75
N PHE C 108 -12.69 27.43 32.48
CA PHE C 108 -11.79 26.28 32.54
C PHE C 108 -10.58 26.53 31.63
N PHE C 109 -10.84 26.96 30.40
CA PHE C 109 -9.76 27.21 29.46
C PHE C 109 -8.81 28.31 29.92
N GLU C 110 -9.34 29.44 30.36
CA GLU C 110 -8.49 30.54 30.81
C GLU C 110 -7.57 30.08 31.93
N ARG C 111 -8.14 29.38 32.91
CA ARG C 111 -7.36 28.89 34.03
C ARG C 111 -6.29 27.89 33.55
N THR C 112 -6.68 26.99 32.66
CA THR C 112 -5.75 26.01 32.14
C THR C 112 -4.67 26.68 31.30
N LEU C 113 -5.06 27.61 30.43
CA LEU C 113 -4.08 28.31 29.60
C LEU C 113 -3.07 29.07 30.45
N SER C 114 -3.54 29.73 31.50
CA SER C 114 -2.63 30.46 32.38
C SER C 114 -1.66 29.50 33.06
N ASN C 115 -2.11 28.31 33.45
CA ASN C 115 -1.22 27.35 34.11
C ASN C 115 -0.20 26.78 33.13
N VAL C 116 -0.65 26.47 31.92
CA VAL C 116 0.22 25.95 30.85
C VAL C 116 1.39 26.93 30.61
N ALA C 117 1.09 28.22 30.61
CA ALA C 117 2.09 29.25 30.40
C ALA C 117 3.23 29.17 31.41
N LYS C 118 2.90 28.80 32.65
CA LYS C 118 3.91 28.70 33.71
C LYS C 118 4.93 27.63 33.38
N LEU C 119 4.62 26.76 32.43
CA LEU C 119 5.55 25.71 32.04
C LEU C 119 6.21 26.00 30.68
N ASP C 120 6.02 27.22 30.19
CA ASP C 120 6.61 27.62 28.92
C ASP C 120 6.11 26.77 27.76
N ILE C 121 4.87 26.29 27.86
CA ILE C 121 4.26 25.47 26.82
C ILE C 121 3.63 26.38 25.78
N HIS C 122 3.90 26.13 24.50
CA HIS C 122 3.36 26.97 23.43
C HIS C 122 2.40 26.28 22.48
N THR C 123 2.15 24.99 22.70
CA THR C 123 1.25 24.22 21.86
C THR C 123 0.29 23.42 22.73
N ILE C 124 -1.00 23.60 22.47
CA ILE C 124 -2.05 22.90 23.19
C ILE C 124 -2.96 22.29 22.13
N GLY C 125 -3.27 21.01 22.25
CA GLY C 125 -4.12 20.37 21.28
C GLY C 125 -5.17 19.47 21.89
N GLY C 126 -6.12 19.05 21.06
CA GLY C 126 -7.18 18.18 21.53
C GLY C 126 -8.49 18.57 20.90
N ALA C 127 -9.57 17.97 21.39
CA ALA C 127 -10.89 18.27 20.89
C ALA C 127 -11.38 19.51 21.65
N LEU C 128 -10.61 20.59 21.55
CA LEU C 128 -10.93 21.84 22.25
C LEU C 128 -12.34 22.38 21.97
N HIS C 129 -12.86 22.04 20.81
CA HIS C 129 -14.18 22.47 20.36
C HIS C 129 -15.32 21.64 20.90
N SER C 130 -15.02 20.63 21.68
CA SER C 130 -16.07 19.74 22.17
C SER C 130 -15.66 19.20 23.53
N TYR C 131 -16.00 17.95 23.81
CA TYR C 131 -15.63 17.33 25.07
C TYR C 131 -15.60 15.82 24.88
N TRP C 132 -15.24 15.11 25.94
CA TRP C 132 -15.17 13.66 25.93
C TRP C 132 -15.66 13.21 27.28
N PRO C 133 -16.39 12.07 27.35
CA PRO C 133 -16.79 11.14 26.29
C PRO C 133 -17.73 11.63 25.18
N ILE C 134 -18.98 11.88 25.56
CA ILE C 134 -20.09 12.29 24.67
C ILE C 134 -20.96 11.06 24.51
N ASP C 135 -22.21 11.17 24.95
CA ASP C 135 -23.16 10.07 24.89
C ASP C 135 -23.91 10.05 23.57
N TYR C 136 -23.54 9.12 22.69
CA TYR C 136 -24.20 9.02 21.41
C TYR C 136 -25.48 8.21 21.45
N SER C 137 -26.03 8.03 22.64
CA SER C 137 -27.29 7.30 22.77
C SER C 137 -28.31 8.42 22.91
N GLN C 138 -27.82 9.64 22.94
CA GLN C 138 -28.66 10.84 23.04
C GLN C 138 -28.52 11.66 21.75
N PRO C 139 -29.57 12.41 21.37
CA PRO C 139 -29.61 13.25 20.17
C PRO C 139 -28.38 14.14 19.95
N VAL C 140 -28.06 14.33 18.67
CA VAL C 140 -26.90 15.12 18.26
C VAL C 140 -27.30 16.34 17.44
N ASP C 141 -26.71 17.49 17.74
CA ASP C 141 -26.98 18.72 17.01
C ASP C 141 -25.68 19.20 16.37
N LYS C 142 -25.32 18.58 15.26
CA LYS C 142 -24.06 18.91 14.59
C LYS C 142 -23.89 20.38 14.22
N ALA C 143 -24.87 20.93 13.52
CA ALA C 143 -24.83 22.32 13.08
C ALA C 143 -24.63 23.27 14.26
N GLY C 144 -25.41 23.05 15.31
CA GLY C 144 -25.31 23.88 16.50
C GLY C 144 -23.98 23.76 17.21
N ASP C 145 -23.52 22.53 17.46
CA ASP C 145 -22.25 22.31 18.13
C ASP C 145 -21.12 22.95 17.34
N TYR C 146 -21.23 22.90 16.03
CA TYR C 146 -20.21 23.49 15.18
C TYR C 146 -20.17 25.00 15.43
N ALA C 147 -21.32 25.64 15.27
CA ALA C 147 -21.43 27.09 15.46
C ALA C 147 -20.96 27.53 16.85
N ARG C 148 -21.45 26.90 17.91
CA ARG C 148 -21.00 27.27 19.26
C ARG C 148 -19.51 27.01 19.38
N GLY C 149 -19.06 25.91 18.78
CA GLY C 149 -17.65 25.58 18.84
C GLY C 149 -16.78 26.68 18.26
N VAL C 150 -17.13 27.15 17.06
CA VAL C 150 -16.36 28.21 16.43
C VAL C 150 -16.33 29.42 17.36
N GLU C 151 -17.51 29.83 17.81
CA GLU C 151 -17.67 30.96 18.72
C GLU C 151 -16.78 30.86 19.94
N GLY C 152 -16.87 29.72 20.62
CA GLY C 152 -16.09 29.52 21.83
C GLY C 152 -14.59 29.58 21.62
N ILE C 153 -14.10 28.94 20.56
CA ILE C 153 -12.67 28.93 20.29
C ILE C 153 -12.18 30.34 19.95
N ASN C 154 -12.95 31.02 19.09
CA ASN C 154 -12.63 32.38 18.71
C ASN C 154 -12.57 33.17 20.02
N GLY C 155 -13.50 32.85 20.92
CA GLY C 155 -13.60 33.51 22.20
C GLY C 155 -12.43 33.37 23.19
N ILE C 156 -11.58 32.36 23.01
CA ILE C 156 -10.45 32.21 23.92
C ILE C 156 -9.13 32.37 23.18
N ALA C 157 -9.20 32.46 21.85
CA ALA C 157 -7.99 32.59 21.03
C ALA C 157 -7.02 33.68 21.48
N ASP C 158 -7.51 34.91 21.69
CA ASP C 158 -6.64 36.01 22.09
C ASP C 158 -6.02 35.80 23.47
N PHE C 159 -6.79 35.25 24.40
CA PHE C 159 -6.29 34.99 25.73
C PHE C 159 -5.09 34.07 25.58
N ALA C 160 -5.26 33.04 24.74
CA ALA C 160 -4.19 32.07 24.50
C ALA C 160 -3.03 32.76 23.78
N ASN C 161 -3.37 33.56 22.77
CA ASN C 161 -2.37 34.26 21.99
C ASN C 161 -1.47 35.16 22.84
N ASP C 162 -2.06 35.86 23.82
CA ASP C 162 -1.26 36.74 24.66
C ASP C 162 -0.25 35.94 25.51
N LEU C 163 -0.47 34.64 25.65
CA LEU C 163 0.44 33.80 26.42
C LEU C 163 1.39 33.05 25.50
N GLY C 164 1.33 33.36 24.21
CA GLY C 164 2.19 32.70 23.24
C GLY C 164 1.79 31.24 23.05
N ILE C 165 0.49 30.97 23.03
CA ILE C 165 0.01 29.62 22.87
C ILE C 165 -0.85 29.40 21.63
N ASN C 166 -0.56 28.33 20.90
CA ASN C 166 -1.36 27.98 19.73
C ASN C 166 -2.35 26.91 20.17
N LEU C 167 -3.60 27.05 19.76
CA LEU C 167 -4.65 26.09 20.06
C LEU C 167 -4.81 25.22 18.80
N CYS C 168 -4.58 23.92 18.92
CA CYS C 168 -4.69 23.03 17.77
C CYS C 168 -5.90 22.11 17.89
N ILE C 169 -6.88 22.31 17.00
CA ILE C 169 -8.13 21.56 16.99
C ILE C 169 -7.97 20.18 16.36
N GLU C 170 -8.15 19.14 17.16
CA GLU C 170 -7.99 17.77 16.67
C GLU C 170 -9.19 17.17 15.94
N VAL C 171 -8.92 16.64 14.75
CA VAL C 171 -9.93 15.99 13.95
C VAL C 171 -9.97 14.54 14.45
N LEU C 172 -11.17 14.06 14.79
CA LEU C 172 -11.34 12.73 15.34
C LEU C 172 -12.22 11.81 14.50
N ASN C 173 -12.17 10.51 14.80
CA ASN C 173 -13.02 9.58 14.06
C ASN C 173 -14.46 9.69 14.58
N ARG C 174 -15.38 9.18 13.78
CA ARG C 174 -16.83 9.21 14.06
C ARG C 174 -17.26 8.71 15.44
N PHE C 175 -16.50 7.80 16.02
CA PHE C 175 -16.86 7.26 17.32
C PHE C 175 -16.58 8.22 18.47
N GLU C 176 -15.72 9.21 18.23
CA GLU C 176 -15.34 10.13 19.29
C GLU C 176 -15.81 11.57 19.16
N ASN C 177 -16.19 11.97 17.96
CA ASN C 177 -16.69 13.33 17.72
C ASN C 177 -17.57 13.28 16.49
N HIS C 178 -18.52 14.20 16.41
CA HIS C 178 -19.46 14.23 15.30
C HIS C 178 -19.42 15.52 14.50
N VAL C 179 -18.53 16.43 14.87
CA VAL C 179 -18.43 17.70 14.18
C VAL C 179 -17.27 17.74 13.18
N LEU C 180 -16.06 17.45 13.65
CA LEU C 180 -14.86 17.48 12.82
C LEU C 180 -14.25 16.08 12.66
N ASN C 181 -14.51 15.45 11.52
CA ASN C 181 -14.01 14.10 11.29
C ASN C 181 -13.00 14.02 10.17
N THR C 182 -12.90 15.08 9.37
CA THR C 182 -11.98 15.11 8.24
C THR C 182 -11.11 16.35 8.29
N ALA C 183 -9.94 16.28 7.65
CA ALA C 183 -9.02 17.41 7.60
C ALA C 183 -9.74 18.62 6.99
N ALA C 184 -10.54 18.36 5.96
CA ALA C 184 -11.29 19.42 5.29
C ALA C 184 -12.29 20.09 6.25
N GLU C 185 -12.95 19.29 7.09
CA GLU C 185 -13.89 19.86 8.04
C GLU C 185 -13.07 20.64 9.07
N GLY C 186 -11.91 20.11 9.43
CA GLY C 186 -11.06 20.78 10.39
C GLY C 186 -10.61 22.13 9.84
N VAL C 187 -10.20 22.15 8.57
CA VAL C 187 -9.77 23.39 7.93
C VAL C 187 -10.92 24.41 7.87
N ALA C 188 -12.10 23.98 7.45
CA ALA C 188 -13.24 24.90 7.35
C ALA C 188 -13.53 25.56 8.71
N PHE C 189 -13.50 24.75 9.77
CA PHE C 189 -13.75 25.24 11.13
C PHE C 189 -12.69 26.30 11.53
N VAL C 190 -11.42 25.95 11.36
CA VAL C 190 -10.36 26.89 11.73
C VAL C 190 -10.49 28.19 10.95
N LYS C 191 -10.86 28.09 9.67
CA LYS C 191 -11.02 29.29 8.85
C LYS C 191 -12.18 30.13 9.40
N ASP C 192 -13.25 29.49 9.84
CA ASP C 192 -14.38 30.23 10.41
C ASP C 192 -13.97 30.90 11.72
N VAL C 193 -13.11 30.24 12.48
CA VAL C 193 -12.66 30.83 13.75
C VAL C 193 -11.92 32.12 13.43
N GLY C 194 -11.13 32.09 12.37
CA GLY C 194 -10.40 33.27 11.94
C GLY C 194 -9.37 33.86 12.88
N LYS C 195 -8.48 33.03 13.42
CA LYS C 195 -7.44 33.52 14.34
C LYS C 195 -6.12 32.87 13.98
N ASN C 196 -5.06 33.69 13.88
CA ASN C 196 -3.75 33.20 13.50
C ASN C 196 -3.16 32.13 14.39
N ASN C 197 -3.56 32.12 15.66
CA ASN C 197 -3.01 31.14 16.60
C ASN C 197 -3.88 29.91 16.82
N VAL C 198 -4.86 29.72 15.95
CA VAL C 198 -5.73 28.55 16.03
C VAL C 198 -5.39 27.68 14.81
N LYS C 199 -4.98 26.44 15.07
CA LYS C 199 -4.57 25.55 13.99
C LYS C 199 -5.35 24.24 13.90
N VAL C 200 -5.10 23.50 12.83
CA VAL C 200 -5.72 22.21 12.64
C VAL C 200 -4.70 21.20 13.14
N LEU C 202 -3.99 16.91 13.12
CA LEU C 202 -4.38 15.61 12.59
C LEU C 202 -3.71 14.47 13.37
N ASP C 203 -4.30 13.28 13.28
CA ASP C 203 -3.84 12.11 14.02
C ASP C 203 -3.99 10.89 13.12
N THR C 204 -2.88 10.19 12.86
CA THR C 204 -2.94 9.01 11.99
C THR C 204 -3.98 7.96 12.41
N PHE C 205 -4.17 7.77 13.72
CA PHE C 205 -5.15 6.81 14.16
C PHE C 205 -6.55 7.20 13.68
N HIS C 206 -6.87 8.49 13.80
CA HIS C 206 -8.19 8.98 13.38
C HIS C 206 -8.32 9.09 11.87
N ASN C 208 -6.88 7.26 9.69
CA ASN C 208 -6.97 5.91 9.15
C ASN C 208 -8.41 5.43 9.00
N ILE C 209 -9.29 5.97 9.83
CA ILE C 209 -10.69 5.60 9.75
C ILE C 209 -11.44 6.47 8.76
N GLU C 210 -11.37 7.78 8.97
CA GLU C 210 -12.13 8.74 8.17
C GLU C 210 -11.65 9.28 6.81
N GLU C 211 -10.34 9.39 6.61
CA GLU C 211 -9.82 9.98 5.38
C GLU C 211 -9.79 9.15 4.12
N ASP C 212 -9.99 9.82 2.99
CA ASP C 212 -9.92 9.15 1.71
C ASP C 212 -8.42 8.84 1.47
N SER C 213 -7.54 9.76 1.84
CA SER C 213 -6.11 9.61 1.64
C SER C 213 -5.27 10.36 2.69
N PHE C 214 -4.29 9.71 3.28
CA PHE C 214 -3.45 10.35 4.30
C PHE C 214 -2.75 11.57 3.71
N GLY C 215 -2.17 11.40 2.53
CA GLY C 215 -1.46 12.49 1.87
C GLY C 215 -2.33 13.69 1.54
N ASP C 216 -3.52 13.46 0.98
CA ASP C 216 -4.40 14.57 0.64
C ASP C 216 -4.87 15.30 1.89
N ALA C 217 -5.10 14.56 2.97
CA ALA C 217 -5.55 15.20 4.21
C ALA C 217 -4.48 16.15 4.75
N ILE C 218 -3.23 15.70 4.76
CA ILE C 218 -2.12 16.50 5.24
C ILE C 218 -1.95 17.72 4.34
N ARG C 219 -2.08 17.49 3.04
CA ARG C 219 -1.95 18.56 2.05
C ARG C 219 -3.13 19.54 2.21
N THR C 220 -4.32 19.03 2.50
CA THR C 220 -5.49 19.90 2.68
C THR C 220 -5.24 20.78 3.90
N ALA C 221 -4.66 20.20 4.95
CA ALA C 221 -4.37 20.95 6.17
C ALA C 221 -3.37 22.05 5.83
N GLY C 222 -2.36 21.70 5.05
CA GLY C 222 -1.34 22.64 4.63
C GLY C 222 -0.73 23.54 5.69
N PRO C 223 -0.78 24.86 5.47
CA PRO C 223 -0.25 25.89 6.38
C PRO C 223 -0.91 25.87 7.75
N LEU C 224 -2.12 25.34 7.80
CA LEU C 224 -2.87 25.30 9.06
C LEU C 224 -2.59 24.12 9.99
N LEU C 225 -1.79 23.15 9.55
CA LEU C 225 -1.44 22.02 10.40
C LEU C 225 -0.54 22.57 11.50
N GLY C 226 -0.99 22.51 12.75
CA GLY C 226 -0.21 23.02 13.87
C GLY C 226 0.30 21.96 14.83
N HIS C 227 -0.21 20.74 14.72
CA HIS C 227 0.20 19.65 15.59
C HIS C 227 -0.14 18.33 14.91
N PHE C 228 0.61 17.28 15.23
CA PHE C 228 0.42 15.99 14.57
C PHE C 228 0.65 14.83 15.54
N HIS C 229 -0.27 13.86 15.53
CA HIS C 229 -0.20 12.67 16.37
C HIS C 229 -0.02 11.41 15.51
N THR C 230 0.83 10.49 15.95
CA THR C 230 1.08 9.28 15.17
C THR C 230 0.89 8.01 15.98
N GLY C 231 0.64 6.92 15.26
CA GLY C 231 0.42 5.61 15.85
C GLY C 231 -0.12 4.71 14.74
N GLU C 232 0.01 3.39 14.88
CA GLU C 232 -0.49 2.49 13.85
C GLU C 232 -2.01 2.47 13.95
N SER C 233 -2.69 1.74 13.07
CA SER C 233 -4.14 1.70 13.07
C SER C 233 -4.73 1.21 14.38
N ASN C 234 -4.00 0.34 15.09
CA ASN C 234 -4.49 -0.16 16.38
C ASN C 234 -3.72 0.45 17.55
N ARG C 235 -3.03 1.56 17.28
CA ARG C 235 -2.30 2.32 18.29
C ARG C 235 -0.94 1.82 18.78
N ARG C 236 -0.31 0.90 18.05
CA ARG C 236 1.02 0.44 18.44
C ARG C 236 1.97 1.57 18.04
N VAL C 237 3.24 1.51 18.45
CA VAL C 237 4.18 2.57 18.09
C VAL C 237 4.45 2.60 16.58
N PRO C 238 4.74 3.79 16.05
CA PRO C 238 5.03 3.93 14.62
C PRO C 238 6.11 2.97 14.14
N GLY C 239 5.86 2.29 13.03
CA GLY C 239 6.86 1.39 12.50
C GLY C 239 6.51 -0.06 12.75
N LYS C 240 5.56 -0.32 13.65
CA LYS C 240 5.14 -1.69 13.94
C LYS C 240 4.10 -2.19 12.95
N GLY C 241 3.50 -1.27 12.19
CA GLY C 241 2.43 -1.67 11.28
C GLY C 241 2.43 -1.19 9.85
N ARG C 242 1.26 -1.32 9.23
CA ARG C 242 1.06 -1.00 7.82
C ARG C 242 0.73 0.44 7.42
N PRO C 244 0.96 4.05 5.89
CA PRO C 244 1.80 4.51 4.76
C PRO C 244 2.77 5.59 5.22
N TRP C 245 3.74 5.23 6.05
CA TRP C 245 4.65 6.25 6.58
C TRP C 245 5.46 7.02 5.53
N HIS C 246 5.82 6.36 4.44
CA HIS C 246 6.59 7.04 3.40
C HIS C 246 5.70 8.15 2.80
N GLU C 247 4.44 7.82 2.54
CA GLU C 247 3.49 8.79 1.99
C GLU C 247 3.27 9.95 2.98
N ILE C 248 3.10 9.61 4.25
CA ILE C 248 2.90 10.62 5.29
C ILE C 248 4.11 11.56 5.40
N GLY C 249 5.32 10.99 5.39
CA GLY C 249 6.50 11.84 5.48
C GLY C 249 6.60 12.82 4.31
N LEU C 250 6.43 12.27 3.11
CA LEU C 250 6.47 13.04 1.89
C LEU C 250 5.43 14.17 1.97
N ALA C 251 4.24 13.88 2.49
CA ALA C 251 3.22 14.92 2.57
C ALA C 251 3.62 15.99 3.60
N LEU C 252 4.10 15.56 4.76
CA LEU C 252 4.52 16.51 5.80
C LEU C 252 5.63 17.41 5.26
N ARG C 253 6.55 16.83 4.50
CA ARG C 253 7.61 17.62 3.92
C ARG C 253 7.07 18.56 2.84
N ASP C 254 6.11 18.08 2.03
CA ASP C 254 5.49 18.90 0.98
C ASP C 254 4.95 20.21 1.57
N ILE C 255 4.30 20.14 2.72
CA ILE C 255 3.74 21.33 3.31
C ILE C 255 4.73 22.06 4.23
N ASN C 256 5.99 21.66 4.18
CA ASN C 256 7.03 22.28 5.02
C ASN C 256 6.63 22.29 6.49
N TYR C 257 6.19 21.14 6.99
CA TYR C 257 5.78 21.04 8.39
C TYR C 257 7.00 21.02 9.31
N THR C 258 7.01 21.93 10.28
CA THR C 258 8.13 21.99 11.21
C THR C 258 7.61 22.02 12.63
N GLY C 259 6.38 21.54 12.80
CA GLY C 259 5.78 21.49 14.11
C GLY C 259 6.17 20.18 14.79
N ALA C 260 5.41 19.79 15.80
CA ALA C 260 5.73 18.56 16.50
C ALA C 260 5.02 17.34 15.94
N VAL C 261 5.68 16.19 16.07
CA VAL C 261 5.14 14.90 15.64
C VAL C 261 5.19 14.05 16.91
N ILE C 262 4.02 13.90 17.54
CA ILE C 262 3.93 13.18 18.81
C ILE C 262 3.39 11.76 18.65
N GLU C 264 1.58 8.68 19.95
CA GLU C 264 0.62 8.54 21.03
C GLU C 264 0.17 7.09 21.03
N PRO C 265 1.08 6.18 21.42
CA PRO C 265 0.74 4.77 21.44
C PRO C 265 0.09 4.30 22.73
N PHE C 266 -0.89 3.41 22.59
CA PHE C 266 -1.63 2.85 23.72
C PHE C 266 -1.69 1.35 23.48
N VAL C 267 -0.83 0.60 24.15
CA VAL C 267 -0.72 -0.85 23.95
C VAL C 267 -0.97 -1.68 25.20
N LYS C 268 -1.30 -1.03 26.30
CA LYS C 268 -1.54 -1.75 27.56
C LYS C 268 -3.01 -1.82 27.94
N THR C 269 -3.47 -3.02 28.30
CA THR C 269 -4.88 -3.20 28.71
C THR C 269 -4.96 -3.09 30.21
N GLY C 270 -6.17 -2.89 30.72
CA GLY C 270 -6.35 -2.76 32.16
C GLY C 270 -6.21 -1.31 32.59
N GLY C 271 -6.74 -0.98 33.75
CA GLY C 271 -6.65 0.38 34.21
C GLY C 271 -7.58 1.29 33.43
N THR C 272 -7.70 2.52 33.88
CA THR C 272 -8.56 3.51 33.26
C THR C 272 -8.17 3.82 31.83
N ILE C 273 -6.88 3.86 31.55
CA ILE C 273 -6.43 4.16 30.18
C ILE C 273 -6.93 3.06 29.26
N GLY C 274 -6.75 1.80 29.67
CA GLY C 274 -7.19 0.69 28.86
C GLY C 274 -8.68 0.76 28.55
N SER C 275 -9.52 1.03 29.56
CA SER C 275 -10.95 1.07 29.30
C SER C 275 -11.33 2.34 28.51
N ASP C 276 -10.73 3.48 28.82
CA ASP C 276 -11.02 4.73 28.11
C ASP C 276 -10.59 4.73 26.65
N ILE C 277 -9.42 4.16 26.37
CA ILE C 277 -8.89 4.09 25.03
C ILE C 277 -9.34 2.79 24.34
N LYS C 278 -10.07 1.96 25.08
CA LYS C 278 -10.60 0.72 24.54
C LYS C 278 -9.53 -0.26 24.08
N VAL C 279 -8.48 -0.42 24.88
CA VAL C 279 -7.41 -1.35 24.58
C VAL C 279 -7.86 -2.62 25.31
N TRP C 280 -8.60 -3.47 24.59
CA TRP C 280 -9.17 -4.69 25.14
C TRP C 280 -8.27 -5.92 25.10
N ARG C 281 -7.07 -5.75 24.55
CA ARG C 281 -6.12 -6.84 24.47
C ARG C 281 -4.74 -6.22 24.52
N ASP C 282 -3.76 -6.98 24.97
CA ASP C 282 -2.40 -6.47 25.05
C ASP C 282 -1.79 -6.33 23.67
N LEU C 283 -1.25 -5.16 23.35
CA LEU C 283 -0.62 -4.95 22.05
C LEU C 283 0.86 -4.68 22.17
N SER C 284 1.41 -4.89 23.36
CA SER C 284 2.83 -4.66 23.63
C SER C 284 3.68 -5.93 23.56
N GLY C 285 3.04 -7.07 23.29
CA GLY C 285 3.78 -8.32 23.21
C GLY C 285 4.26 -8.73 24.59
N GLY C 286 3.51 -8.37 25.63
CA GLY C 286 3.88 -8.70 27.00
C GLY C 286 5.18 -8.04 27.38
N ALA C 287 5.39 -6.82 26.91
CA ALA C 287 6.62 -6.08 27.16
C ALA C 287 6.89 -5.59 28.57
N ASP C 288 8.12 -5.79 29.05
CA ASP C 288 8.46 -5.26 30.36
C ASP C 288 8.83 -3.81 30.07
N ILE C 289 9.28 -3.07 31.07
CA ILE C 289 9.61 -1.67 30.84
C ILE C 289 10.75 -1.48 29.84
N ALA C 290 11.74 -2.36 29.89
CA ALA C 290 12.87 -2.26 28.97
C ALA C 290 12.41 -2.35 27.51
N LYS C 291 11.49 -3.27 27.24
CA LYS C 291 10.98 -3.46 25.89
C LYS C 291 10.13 -2.25 25.48
N ASP C 293 10.53 0.74 26.43
CA ASP C 293 11.50 1.80 26.13
C ASP C 293 12.16 1.54 24.76
N GLU C 294 12.55 0.29 24.53
CA GLU C 294 13.18 -0.08 23.27
C GLU C 294 12.25 0.20 22.07
N ASP C 295 10.99 -0.19 22.20
CA ASP C 295 10.03 0.04 21.11
C ASP C 295 9.93 1.55 20.86
N ALA C 296 9.85 2.34 21.92
CA ALA C 296 9.75 3.78 21.78
C ALA C 296 10.99 4.30 21.07
N ARG C 297 12.16 3.88 21.51
CA ARG C 297 13.42 4.32 20.91
C ARG C 297 13.47 3.94 19.42
N ASN C 298 13.05 2.72 19.10
CA ASN C 298 13.06 2.28 17.72
C ASN C 298 12.06 3.06 16.86
N ALA C 299 10.90 3.38 17.42
CA ALA C 299 9.89 4.13 16.69
C ALA C 299 10.36 5.56 16.44
N LEU C 300 11.17 6.08 17.36
CA LEU C 300 11.68 7.44 17.27
C LEU C 300 12.69 7.50 16.12
N ALA C 301 13.63 6.57 16.12
CA ALA C 301 14.62 6.51 15.05
C ALA C 301 13.89 6.28 13.72
N PHE C 302 12.90 5.38 13.72
CA PHE C 302 12.12 5.09 12.53
C PHE C 302 11.45 6.38 12.04
N SER C 303 10.79 7.09 12.96
CA SER C 303 10.11 8.34 12.61
C SER C 303 11.04 9.42 12.06
N ARG C 304 12.22 9.56 12.64
CA ARG C 304 13.16 10.55 12.14
C ARG C 304 13.67 10.20 10.75
N PHE C 305 13.95 8.91 10.53
CA PHE C 305 14.46 8.44 9.25
C PHE C 305 13.41 8.50 8.14
N VAL C 306 12.18 8.11 8.43
CA VAL C 306 11.13 8.11 7.43
C VAL C 306 10.33 9.41 7.32
N LEU C 307 9.99 10.04 8.46
CA LEU C 307 9.20 11.26 8.40
C LEU C 307 10.00 12.55 8.28
N GLY C 308 11.17 12.59 8.93
CA GLY C 308 12.00 13.79 8.89
C GLY C 308 12.46 14.22 10.26
N GLY C 309 13.17 15.35 10.32
CA GLY C 309 13.67 15.81 11.60
C GLY C 309 14.99 15.12 11.94
N LYS D 22 19.82 -12.52 10.07
CA LYS D 22 20.97 -11.63 10.16
C LYS D 22 20.98 -10.59 9.04
N HIS D 23 21.53 -9.41 9.32
CA HIS D 23 21.56 -8.33 8.33
C HIS D 23 22.94 -8.00 7.82
N GLY D 24 23.03 -7.78 6.51
CA GLY D 24 24.31 -7.44 5.92
C GLY D 24 24.15 -6.43 4.81
N ILE D 25 25.27 -6.09 4.18
CA ILE D 25 25.24 -5.15 3.08
C ILE D 25 26.29 -5.57 2.06
N TYR D 26 26.02 -5.33 0.79
CA TYR D 26 26.97 -5.66 -0.28
C TYR D 26 27.97 -4.51 -0.30
N TYR D 27 29.25 -4.82 -0.07
CA TYR D 27 30.27 -3.78 0.00
C TYR D 27 30.38 -2.83 -1.19
N SER D 28 30.01 -3.27 -2.38
CA SER D 28 30.14 -2.40 -3.54
C SER D 28 29.24 -1.17 -3.53
N TYR D 29 28.47 -1.02 -2.47
CA TYR D 29 27.59 0.14 -2.29
C TYR D 29 28.46 1.39 -2.24
N TRP D 30 29.65 1.23 -1.66
CA TRP D 30 30.60 2.33 -1.51
C TRP D 30 31.56 2.50 -2.68
N GLU D 31 31.47 1.65 -3.69
CA GLU D 31 32.43 1.74 -4.80
C GLU D 31 31.84 2.16 -6.14
N HIS D 32 32.73 2.32 -7.12
CA HIS D 32 32.32 2.69 -8.47
C HIS D 32 32.79 1.64 -9.46
N GLU D 33 33.75 0.82 -9.02
CA GLU D 33 34.30 -0.22 -9.86
C GLU D 33 34.16 -1.58 -9.18
N TRP D 34 33.86 -2.61 -9.96
CA TRP D 34 33.73 -3.96 -9.40
C TRP D 34 35.11 -4.46 -8.94
N SER D 35 36.16 -3.97 -9.58
CA SER D 35 37.53 -4.40 -9.24
C SER D 35 38.03 -3.94 -7.87
N ALA D 36 37.27 -3.07 -7.20
CA ALA D 36 37.67 -2.61 -5.88
C ALA D 36 37.58 -3.79 -4.92
N LYS D 37 38.67 -4.07 -4.22
CA LYS D 37 38.74 -5.19 -3.29
C LYS D 37 37.90 -4.98 -2.03
N PHE D 38 37.52 -6.07 -1.39
CA PHE D 38 36.68 -5.96 -0.20
C PHE D 38 37.39 -6.04 1.14
N GLY D 39 38.65 -6.51 1.13
CA GLY D 39 39.41 -6.62 2.36
C GLY D 39 39.24 -5.52 3.40
N PRO D 40 39.47 -4.24 3.04
CA PRO D 40 39.35 -3.09 3.96
C PRO D 40 37.94 -2.86 4.53
N TYR D 41 36.95 -3.48 3.90
CA TYR D 41 35.57 -3.32 4.33
C TYR D 41 35.14 -4.23 5.46
N ILE D 42 35.88 -5.30 5.69
CA ILE D 42 35.50 -6.21 6.77
C ILE D 42 35.27 -5.39 8.03
N GLU D 43 36.30 -4.69 8.48
CA GLU D 43 36.18 -3.88 9.69
C GLU D 43 35.20 -2.73 9.58
N LYS D 44 35.23 -1.99 8.47
CA LYS D 44 34.32 -0.87 8.31
C LYS D 44 32.85 -1.29 8.49
N VAL D 45 32.45 -2.36 7.80
CA VAL D 45 31.08 -2.85 7.87
C VAL D 45 30.70 -3.39 9.25
N ALA D 46 31.64 -4.10 9.88
CA ALA D 46 31.42 -4.64 11.21
C ALA D 46 31.13 -3.50 12.19
N LYS D 47 31.91 -2.42 12.07
CA LYS D 47 31.76 -1.29 12.96
C LYS D 47 30.48 -0.48 12.74
N LEU D 48 29.91 -0.58 11.55
CA LEU D 48 28.64 0.12 11.25
C LEU D 48 27.50 -0.67 11.88
N GLY D 49 27.79 -1.86 12.40
CA GLY D 49 26.78 -2.67 13.05
C GLY D 49 26.21 -3.87 12.32
N PHE D 50 26.63 -4.10 11.08
CA PHE D 50 26.11 -5.23 10.31
C PHE D 50 26.61 -6.58 10.80
N ASP D 51 25.78 -7.61 10.66
CA ASP D 51 26.14 -8.98 11.07
C ASP D 51 26.93 -9.63 9.96
N ILE D 52 26.72 -9.13 8.75
CA ILE D 52 27.33 -9.71 7.57
C ILE D 52 27.81 -8.69 6.57
N ILE D 53 28.83 -9.08 5.80
CA ILE D 53 29.28 -8.25 4.69
C ILE D 53 29.24 -9.22 3.51
N GLU D 54 28.58 -8.82 2.41
CA GLU D 54 28.54 -9.70 1.26
C GLU D 54 29.63 -9.25 0.29
N VAL D 55 30.39 -10.22 -0.22
CA VAL D 55 31.48 -9.95 -1.13
C VAL D 55 31.36 -10.69 -2.45
N ALA D 56 32.16 -10.29 -3.43
CA ALA D 56 32.15 -10.90 -4.76
C ALA D 56 33.13 -12.06 -4.78
N ALA D 57 32.64 -13.23 -5.19
CA ALA D 57 33.47 -14.41 -5.24
C ALA D 57 34.67 -14.31 -6.18
N HIS D 58 34.56 -13.50 -7.23
CA HIS D 58 35.68 -13.41 -8.16
C HIS D 58 36.91 -12.77 -7.53
N HIS D 59 36.73 -12.03 -6.45
CA HIS D 59 37.88 -11.43 -5.77
C HIS D 59 38.51 -12.54 -4.92
N ILE D 60 37.66 -13.40 -4.39
CA ILE D 60 38.15 -14.51 -3.57
C ILE D 60 39.05 -15.40 -4.44
N ASN D 61 38.74 -15.50 -5.73
CA ASN D 61 39.55 -16.32 -6.64
C ASN D 61 40.91 -15.70 -6.95
N GLU D 62 41.10 -14.42 -6.60
CA GLU D 62 42.37 -13.75 -6.87
C GLU D 62 43.29 -13.70 -5.66
N TYR D 63 42.72 -13.63 -4.47
CA TYR D 63 43.51 -13.58 -3.25
C TYR D 63 44.36 -14.84 -3.10
N SER D 64 45.52 -14.67 -2.47
CA SER D 64 46.44 -15.78 -2.24
C SER D 64 45.97 -16.44 -0.95
N ASP D 65 46.35 -17.69 -0.76
CA ASP D 65 45.95 -18.41 0.44
C ASP D 65 46.30 -17.67 1.72
N ALA D 66 47.41 -16.94 1.71
CA ALA D 66 47.83 -16.19 2.90
C ALA D 66 46.89 -15.01 3.12
N GLU D 67 46.56 -14.31 2.04
CA GLU D 67 45.68 -13.16 2.11
C GLU D 67 44.28 -13.57 2.54
N LEU D 68 43.82 -14.73 2.04
CA LEU D 68 42.49 -15.23 2.40
C LEU D 68 42.46 -15.53 3.90
N ALA D 69 43.55 -16.10 4.40
CA ALA D 69 43.63 -16.42 5.82
C ALA D 69 43.56 -15.13 6.62
N THR D 70 44.22 -14.08 6.13
CA THR D 70 44.21 -12.79 6.82
C THR D 70 42.79 -12.25 6.88
N ILE D 71 42.09 -12.32 5.74
CA ILE D 71 40.73 -11.85 5.65
C ILE D 71 39.86 -12.64 6.62
N ARG D 72 40.02 -13.95 6.58
CA ARG D 72 39.26 -14.84 7.46
C ARG D 72 39.46 -14.47 8.91
N LYS D 73 40.71 -14.24 9.31
CA LYS D 73 40.99 -13.89 10.68
C LYS D 73 40.39 -12.52 11.00
N SER D 74 40.47 -11.61 10.04
CA SER D 74 39.91 -10.28 10.23
C SER D 74 38.41 -10.35 10.50
N ALA D 75 37.70 -11.20 9.77
CA ALA D 75 36.26 -11.36 9.94
C ALA D 75 35.96 -11.88 11.35
N LYS D 76 36.75 -12.87 11.76
CA LYS D 76 36.63 -13.48 13.08
C LYS D 76 36.87 -12.44 14.18
N ASP D 77 37.98 -11.71 14.09
CA ASP D 77 38.29 -10.70 15.10
C ASP D 77 37.22 -9.61 15.19
N ASN D 78 36.60 -9.28 14.06
CA ASN D 78 35.58 -8.25 14.04
C ASN D 78 34.15 -8.75 14.25
N GLY D 79 34.02 -10.06 14.45
CA GLY D 79 32.72 -10.66 14.69
C GLY D 79 31.70 -10.47 13.58
N ILE D 80 32.14 -10.59 12.33
CA ILE D 80 31.24 -10.44 11.22
C ILE D 80 31.33 -11.66 10.30
N ILE D 81 30.20 -12.02 9.71
CA ILE D 81 30.15 -13.19 8.84
C ILE D 81 30.24 -12.76 7.37
N LEU D 82 30.79 -13.61 6.51
CA LEU D 82 30.86 -13.29 5.09
C LEU D 82 29.97 -14.18 4.26
N THR D 83 29.34 -13.57 3.26
CA THR D 83 28.51 -14.26 2.31
C THR D 83 29.03 -13.81 0.94
N ALA D 84 28.77 -14.56 -0.11
CA ALA D 84 29.28 -14.17 -1.41
C ALA D 84 28.33 -14.39 -2.59
N GLY D 85 28.60 -13.65 -3.66
CA GLY D 85 27.81 -13.76 -4.86
C GLY D 85 28.75 -14.17 -5.97
N ILE D 86 28.24 -14.98 -6.91
CA ILE D 86 29.03 -15.44 -8.06
C ILE D 86 28.31 -14.92 -9.31
N GLY D 87 29.09 -14.46 -10.27
CA GLY D 87 28.50 -13.97 -11.51
C GLY D 87 29.15 -14.71 -12.65
N PRO D 88 28.56 -15.81 -13.12
CA PRO D 88 29.16 -16.57 -14.21
C PRO D 88 29.19 -15.73 -15.49
N SER D 89 30.10 -16.08 -16.40
CA SER D 89 30.24 -15.35 -17.65
C SER D 89 29.71 -16.21 -18.79
N LYS D 90 29.58 -15.60 -19.96
CA LYS D 90 29.07 -16.34 -21.11
C LYS D 90 30.07 -17.40 -21.54
N THR D 91 31.27 -17.32 -20.98
CA THR D 91 32.33 -18.26 -21.33
C THR D 91 32.44 -19.41 -20.32
N LYS D 92 31.95 -19.15 -19.11
CA LYS D 92 32.00 -20.14 -18.06
C LYS D 92 30.70 -20.19 -17.31
N ASN D 93 29.70 -20.90 -17.83
CA ASN D 93 28.43 -21.04 -17.15
C ASN D 93 27.85 -22.44 -17.32
N LEU D 94 26.79 -22.73 -16.59
CA LEU D 94 26.20 -24.07 -16.62
C LEU D 94 25.03 -24.28 -17.55
N SER D 95 24.53 -23.21 -18.16
CA SER D 95 23.38 -23.35 -19.02
C SER D 95 23.68 -23.33 -20.51
N SER D 96 24.93 -23.08 -20.88
CA SER D 96 25.27 -23.00 -22.31
C SER D 96 24.95 -24.24 -23.14
N GLU D 97 24.58 -24.02 -24.41
CA GLU D 97 24.29 -25.11 -25.33
C GLU D 97 25.62 -25.78 -25.67
N ASP D 98 26.70 -24.99 -25.57
CA ASP D 98 28.05 -25.46 -25.86
C ASP D 98 28.59 -26.36 -24.74
N ALA D 99 28.84 -27.62 -25.08
CA ALA D 99 29.36 -28.58 -24.09
C ALA D 99 30.65 -28.11 -23.40
N ALA D 100 31.56 -27.51 -24.17
CA ALA D 100 32.84 -27.02 -23.61
C ALA D 100 32.61 -25.91 -22.58
N VAL D 101 31.67 -25.03 -22.89
CA VAL D 101 31.36 -23.94 -21.97
C VAL D 101 30.77 -24.54 -20.69
N ARG D 102 29.88 -25.51 -20.80
CA ARG D 102 29.31 -26.12 -19.59
C ARG D 102 30.41 -26.76 -18.74
N ALA D 103 31.39 -27.38 -19.40
CA ALA D 103 32.48 -28.01 -18.67
C ALA D 103 33.36 -26.92 -18.04
N ALA D 104 33.60 -25.83 -18.77
CA ALA D 104 34.41 -24.73 -18.22
C ALA D 104 33.66 -24.15 -17.00
N GLY D 105 32.34 -24.07 -17.12
CA GLY D 105 31.53 -23.54 -16.04
C GLY D 105 31.62 -24.42 -14.80
N LYS D 106 31.57 -25.73 -14.99
CA LYS D 106 31.67 -26.64 -13.86
C LYS D 106 33.02 -26.48 -13.16
N ALA D 107 34.10 -26.45 -13.92
CA ALA D 107 35.44 -26.32 -13.32
C ALA D 107 35.55 -24.98 -12.58
N PHE D 108 35.01 -23.92 -13.18
CA PHE D 108 35.03 -22.61 -12.55
C PHE D 108 34.31 -22.67 -11.18
N PHE D 109 33.13 -23.26 -11.16
CA PHE D 109 32.39 -23.36 -9.90
C PHE D 109 33.13 -24.16 -8.84
N GLU D 110 33.74 -25.28 -9.23
CA GLU D 110 34.45 -26.09 -8.25
C GLU D 110 35.64 -25.34 -7.69
N ARG D 111 36.39 -24.68 -8.56
CA ARG D 111 37.53 -23.90 -8.12
C ARG D 111 37.03 -22.78 -7.20
N THR D 112 36.01 -22.05 -7.64
CA THR D 112 35.47 -20.95 -6.84
C THR D 112 34.99 -21.42 -5.48
N LEU D 113 34.21 -22.50 -5.47
CA LEU D 113 33.67 -23.05 -4.23
C LEU D 113 34.79 -23.42 -3.25
N SER D 114 35.84 -24.07 -3.74
CA SER D 114 36.94 -24.45 -2.87
C SER D 114 37.55 -23.20 -2.21
N ASN D 115 37.72 -22.14 -3.00
CA ASN D 115 38.27 -20.89 -2.44
C ASN D 115 37.30 -20.25 -1.46
N VAL D 116 36.02 -20.30 -1.76
CA VAL D 116 35.01 -19.73 -0.89
C VAL D 116 35.05 -20.43 0.47
N ALA D 117 35.28 -21.74 0.45
CA ALA D 117 35.36 -22.52 1.69
C ALA D 117 36.52 -22.04 2.59
N LYS D 118 37.59 -21.57 1.98
CA LYS D 118 38.74 -21.08 2.74
C LYS D 118 38.41 -19.87 3.61
N LEU D 119 37.34 -19.15 3.26
CA LEU D 119 36.95 -17.99 4.05
C LEU D 119 35.80 -18.32 5.00
N ASP D 120 35.49 -19.60 5.11
CA ASP D 120 34.43 -20.07 6.00
C ASP D 120 33.06 -19.47 5.57
N ILE D 121 32.81 -19.47 4.26
CA ILE D 121 31.57 -18.95 3.71
C ILE D 121 30.62 -20.13 3.42
N HIS D 122 29.36 -20.02 3.84
CA HIS D 122 28.40 -21.09 3.64
C HIS D 122 27.21 -20.78 2.77
N THR D 123 27.19 -19.58 2.20
CA THR D 123 26.09 -19.20 1.33
C THR D 123 26.62 -18.48 0.11
N ILE D 124 26.28 -19.01 -1.06
CA ILE D 124 26.69 -18.43 -2.32
C ILE D 124 25.42 -18.17 -3.10
N GLY D 125 25.26 -16.96 -3.62
CA GLY D 125 24.06 -16.64 -4.35
C GLY D 125 24.34 -15.90 -5.64
N GLY D 126 23.32 -15.80 -6.48
CA GLY D 126 23.47 -15.12 -7.75
C GLY D 126 22.74 -15.89 -8.83
N ALA D 127 22.99 -15.53 -10.08
CA ALA D 127 22.33 -16.19 -11.20
C ALA D 127 23.18 -17.41 -11.54
N LEU D 128 23.36 -18.29 -10.56
CA LEU D 128 24.19 -19.48 -10.74
C LEU D 128 23.77 -20.39 -11.88
N HIS D 129 22.49 -20.31 -12.23
CA HIS D 129 21.93 -21.13 -13.30
C HIS D 129 22.22 -20.57 -14.69
N SER D 130 22.81 -19.39 -14.77
CA SER D 130 23.13 -18.87 -16.09
C SER D 130 24.28 -17.89 -16.02
N TYR D 131 24.13 -16.72 -16.63
CA TYR D 131 25.23 -15.76 -16.61
C TYR D 131 24.77 -14.35 -16.89
N TRP D 132 25.74 -13.44 -16.93
CA TRP D 132 25.49 -12.04 -17.23
C TRP D 132 26.72 -11.54 -17.99
N PRO D 133 26.52 -10.61 -18.94
CA PRO D 133 25.33 -9.93 -19.45
C PRO D 133 24.16 -10.76 -20.00
N ILE D 134 24.38 -11.33 -21.18
CA ILE D 134 23.40 -12.12 -21.95
C ILE D 134 22.92 -11.14 -22.99
N ASP D 135 23.30 -11.37 -24.24
CA ASP D 135 22.89 -10.49 -25.32
C ASP D 135 21.49 -10.82 -25.83
N TYR D 136 20.54 -9.94 -25.54
CA TYR D 136 19.17 -10.14 -25.98
C TYR D 136 18.90 -9.66 -27.40
N SER D 137 19.97 -9.37 -28.14
CA SER D 137 19.84 -8.94 -29.51
C SER D 137 19.87 -10.22 -30.35
N GLN D 138 20.18 -11.33 -29.69
CA GLN D 138 20.22 -12.64 -30.32
C GLN D 138 19.09 -13.52 -29.77
N PRO D 139 18.67 -14.54 -30.54
CA PRO D 139 17.59 -15.44 -30.10
C PRO D 139 17.92 -16.15 -28.78
N VAL D 140 16.87 -16.52 -28.05
CA VAL D 140 17.05 -17.18 -26.78
C VAL D 140 16.34 -18.53 -26.74
N ASP D 141 16.96 -19.49 -26.06
CA ASP D 141 16.41 -20.84 -25.92
C ASP D 141 16.02 -21.00 -24.46
N LYS D 142 14.84 -20.50 -24.10
CA LYS D 142 14.41 -20.56 -22.70
C LYS D 142 14.34 -21.97 -22.12
N ALA D 143 13.60 -22.85 -22.79
CA ALA D 143 13.44 -24.21 -22.31
C ALA D 143 14.77 -24.93 -22.18
N GLY D 144 15.65 -24.79 -23.17
CA GLY D 144 16.94 -25.44 -23.12
C GLY D 144 17.83 -24.86 -22.04
N ASP D 145 17.83 -23.54 -21.89
CA ASP D 145 18.67 -22.91 -20.86
C ASP D 145 18.20 -23.35 -19.47
N TYR D 146 16.89 -23.47 -19.29
CA TYR D 146 16.36 -23.92 -18.02
C TYR D 146 16.82 -25.35 -17.70
N ALA D 147 16.61 -26.25 -18.65
CA ALA D 147 16.95 -27.66 -18.47
C ALA D 147 18.45 -27.88 -18.26
N ARG D 148 19.28 -27.22 -19.08
CA ARG D 148 20.72 -27.37 -18.90
C ARG D 148 21.12 -26.81 -17.54
N GLY D 149 20.45 -25.74 -17.11
CA GLY D 149 20.75 -25.15 -15.82
C GLY D 149 20.43 -26.10 -14.67
N VAL D 150 19.30 -26.78 -14.77
CA VAL D 150 18.93 -27.74 -13.73
C VAL D 150 20.01 -28.84 -13.60
N GLU D 151 20.40 -29.42 -14.73
CA GLU D 151 21.41 -30.49 -14.71
C GLU D 151 22.75 -29.93 -14.23
N GLY D 152 23.10 -28.74 -14.71
CA GLY D 152 24.35 -28.12 -14.32
C GLY D 152 24.44 -27.91 -12.82
N ILE D 153 23.40 -27.31 -12.24
CA ILE D 153 23.39 -27.05 -10.80
C ILE D 153 23.35 -28.36 -10.02
N ASN D 154 22.60 -29.34 -10.52
CA ASN D 154 22.53 -30.62 -9.81
C ASN D 154 23.94 -31.19 -9.79
N GLY D 155 24.66 -30.97 -10.88
CA GLY D 155 26.02 -31.48 -11.02
C GLY D 155 27.11 -30.90 -10.13
N ILE D 156 26.84 -29.79 -9.42
CA ILE D 156 27.87 -29.22 -8.54
C ILE D 156 27.39 -29.13 -7.10
N ALA D 157 26.13 -29.48 -6.87
CA ALA D 157 25.55 -29.40 -5.54
C ALA D 157 26.29 -30.19 -4.46
N ASP D 158 26.63 -31.44 -4.75
CA ASP D 158 27.32 -32.26 -3.74
C ASP D 158 28.70 -31.71 -3.42
N PHE D 159 29.40 -31.25 -4.45
CA PHE D 159 30.72 -30.68 -4.25
C PHE D 159 30.55 -29.49 -3.28
N ALA D 160 29.53 -28.67 -3.52
CA ALA D 160 29.24 -27.52 -2.65
C ALA D 160 28.84 -28.01 -1.26
N ASN D 161 28.00 -29.05 -1.24
CA ASN D 161 27.53 -29.59 0.03
C ASN D 161 28.69 -30.14 0.85
N ASP D 162 29.65 -30.81 0.19
CA ASP D 162 30.78 -31.34 0.94
C ASP D 162 31.57 -30.23 1.61
N LEU D 163 31.46 -29.01 1.10
CA LEU D 163 32.15 -27.88 1.70
C LEU D 163 31.22 -27.12 2.65
N GLY D 164 30.00 -27.62 2.81
CA GLY D 164 29.06 -26.97 3.70
C GLY D 164 28.53 -25.66 3.13
N ILE D 165 28.33 -25.64 1.82
CA ILE D 165 27.87 -24.44 1.15
C ILE D 165 26.49 -24.61 0.51
N ASN D 166 25.61 -23.65 0.73
CA ASN D 166 24.29 -23.66 0.09
C ASN D 166 24.39 -22.82 -1.19
N LEU D 167 23.81 -23.31 -2.28
CA LEU D 167 23.79 -22.59 -3.54
C LEU D 167 22.40 -21.94 -3.66
N CYS D 168 22.35 -20.62 -3.63
CA CYS D 168 21.08 -19.91 -3.71
C CYS D 168 20.86 -19.29 -5.07
N ILE D 169 19.83 -19.77 -5.76
CA ILE D 169 19.47 -19.36 -7.10
C ILE D 169 18.65 -18.08 -7.12
N GLU D 170 19.23 -17.00 -7.61
CA GLU D 170 18.54 -15.71 -7.64
C GLU D 170 17.52 -15.52 -8.76
N VAL D 171 16.32 -15.12 -8.37
CA VAL D 171 15.24 -14.84 -9.29
C VAL D 171 15.43 -13.39 -9.75
N LEU D 172 15.49 -13.17 -11.06
CA LEU D 172 15.74 -11.83 -11.57
C LEU D 172 14.63 -11.26 -12.44
N ASN D 173 14.64 -9.94 -12.63
CA ASN D 173 13.63 -9.32 -13.47
C ASN D 173 13.93 -9.65 -14.95
N ARG D 174 12.94 -9.49 -15.82
CA ARG D 174 13.02 -9.81 -17.25
C ARG D 174 14.18 -9.20 -18.05
N PHE D 175 14.62 -8.01 -17.64
CA PHE D 175 15.69 -7.31 -18.33
C PHE D 175 17.05 -7.94 -18.04
N GLU D 176 17.11 -8.77 -17.02
CA GLU D 176 18.39 -9.37 -16.64
C GLU D 176 18.50 -10.89 -16.80
N ASN D 177 17.37 -11.58 -16.88
CA ASN D 177 17.37 -13.03 -17.06
C ASN D 177 16.05 -13.45 -17.70
N HIS D 178 16.08 -14.51 -18.49
CA HIS D 178 14.88 -14.96 -19.19
C HIS D 178 14.38 -16.31 -18.73
N VAL D 179 15.09 -16.92 -17.78
CA VAL D 179 14.76 -18.25 -17.27
C VAL D 179 13.92 -18.26 -15.99
N LEU D 180 14.40 -17.57 -14.96
CA LEU D 180 13.69 -17.52 -13.68
C LEU D 180 13.37 -16.07 -13.35
N ASN D 181 12.09 -15.72 -13.45
CA ASN D 181 11.65 -14.36 -13.21
C ASN D 181 10.74 -14.23 -12.00
N THR D 182 10.23 -15.37 -11.53
CA THR D 182 9.29 -15.41 -10.43
C THR D 182 9.71 -16.38 -9.33
N ALA D 183 9.27 -16.12 -8.09
CA ALA D 183 9.58 -17.00 -6.99
C ALA D 183 9.04 -18.40 -7.34
N ALA D 184 7.85 -18.46 -7.95
CA ALA D 184 7.28 -19.74 -8.33
C ALA D 184 8.18 -20.47 -9.33
N GLU D 185 8.72 -19.76 -10.30
CA GLU D 185 9.62 -20.40 -11.27
C GLU D 185 10.90 -20.83 -10.56
N GLY D 186 11.35 -20.00 -9.60
CA GLY D 186 12.54 -20.33 -8.85
C GLY D 186 12.36 -21.59 -8.04
N VAL D 187 11.18 -21.73 -7.43
CA VAL D 187 10.88 -22.90 -6.62
C VAL D 187 10.84 -24.14 -7.48
N ALA D 188 10.26 -24.02 -8.67
CA ALA D 188 10.15 -25.13 -9.60
C ALA D 188 11.54 -25.54 -10.04
N PHE D 189 12.42 -24.57 -10.27
CA PHE D 189 13.77 -24.89 -10.69
C PHE D 189 14.51 -25.67 -9.58
N VAL D 190 14.36 -25.19 -8.34
CA VAL D 190 15.01 -25.78 -7.20
C VAL D 190 14.50 -27.20 -6.93
N LYS D 191 13.19 -27.40 -7.05
CA LYS D 191 12.65 -28.73 -6.86
C LYS D 191 13.17 -29.64 -7.98
N ASP D 192 13.24 -29.12 -9.21
CA ASP D 192 13.76 -29.93 -10.33
C ASP D 192 15.21 -30.36 -10.06
N VAL D 193 15.96 -29.51 -9.37
CA VAL D 193 17.35 -29.85 -9.06
C VAL D 193 17.38 -30.96 -8.02
N GLY D 194 16.47 -30.87 -7.05
CA GLY D 194 16.36 -31.89 -6.02
C GLY D 194 17.57 -32.10 -5.13
N LYS D 195 18.14 -31.02 -4.61
CA LYS D 195 19.30 -31.09 -3.73
C LYS D 195 19.02 -30.29 -2.47
N ASN D 196 19.32 -30.89 -1.32
CA ASN D 196 19.06 -30.23 -0.06
C ASN D 196 19.78 -28.90 0.15
N ASN D 197 20.95 -28.74 -0.46
CA ASN D 197 21.71 -27.49 -0.29
C ASN D 197 21.54 -26.47 -1.43
N VAL D 198 20.52 -26.65 -2.25
CA VAL D 198 20.24 -25.72 -3.35
C VAL D 198 18.92 -25.04 -2.97
N LYS D 199 18.97 -23.72 -2.84
CA LYS D 199 17.83 -22.92 -2.39
C LYS D 199 17.41 -21.82 -3.37
N VAL D 200 16.24 -21.23 -3.10
CA VAL D 200 15.77 -20.13 -3.92
C VAL D 200 16.24 -18.85 -3.25
N LEU D 202 15.58 -14.56 -3.31
CA LEU D 202 14.72 -13.47 -3.81
C LEU D 202 15.35 -12.11 -3.53
N ASP D 203 14.95 -11.10 -4.30
CA ASP D 203 15.52 -9.75 -4.21
C ASP D 203 14.38 -8.74 -4.42
N THR D 204 14.15 -7.85 -3.46
CA THR D 204 13.06 -6.88 -3.59
C THR D 204 13.07 -6.03 -4.87
N PHE D 205 14.26 -5.70 -5.39
CA PHE D 205 14.36 -4.90 -6.61
C PHE D 205 13.73 -5.66 -7.78
N HIS D 206 14.08 -6.94 -7.89
CA HIS D 206 13.56 -7.78 -8.95
C HIS D 206 12.10 -8.16 -8.71
N ASN D 208 9.93 -6.43 -7.22
CA ASN D 208 9.15 -5.22 -7.45
C ASN D 208 8.66 -5.15 -8.88
N ILE D 209 9.40 -5.75 -9.80
CA ILE D 209 8.96 -5.73 -11.19
C ILE D 209 8.09 -6.93 -11.57
N GLU D 210 8.57 -8.13 -11.26
CA GLU D 210 7.85 -9.32 -11.71
C GLU D 210 6.74 -9.97 -10.89
N GLU D 211 6.78 -9.81 -9.56
CA GLU D 211 5.80 -10.49 -8.72
C GLU D 211 4.41 -9.87 -8.60
N ASP D 212 3.42 -10.75 -8.47
CA ASP D 212 2.06 -10.31 -8.30
C ASP D 212 1.98 -9.76 -6.86
N SER D 213 2.70 -10.39 -5.93
CA SER D 213 2.68 -9.98 -4.52
C SER D 213 3.96 -10.33 -3.78
N PHE D 214 4.48 -9.38 -3.01
CA PHE D 214 5.71 -9.62 -2.24
C PHE D 214 5.49 -10.70 -1.21
N GLY D 215 4.43 -10.55 -0.42
CA GLY D 215 4.13 -11.54 0.59
C GLY D 215 3.91 -12.93 -0.02
N ASP D 216 3.19 -12.99 -1.14
CA ASP D 216 2.92 -14.28 -1.76
C ASP D 216 4.19 -14.92 -2.32
N ALA D 217 5.09 -14.09 -2.86
CA ALA D 217 6.34 -14.60 -3.42
C ALA D 217 7.19 -15.23 -2.31
N ILE D 218 7.29 -14.55 -1.17
CA ILE D 218 8.07 -15.06 -0.06
C ILE D 218 7.47 -16.33 0.54
N ARG D 219 6.15 -16.35 0.70
CA ARG D 219 5.45 -17.51 1.24
C ARG D 219 5.62 -18.67 0.26
N THR D 220 5.64 -18.36 -1.04
CA THR D 220 5.81 -19.41 -2.05
C THR D 220 7.20 -20.03 -1.95
N ALA D 221 8.22 -19.21 -1.72
CA ALA D 221 9.56 -19.76 -1.59
C ALA D 221 9.59 -20.64 -0.30
N GLY D 222 8.90 -20.15 0.73
CA GLY D 222 8.82 -20.88 1.98
C GLY D 222 10.12 -21.46 2.52
N PRO D 223 10.14 -22.77 2.81
CA PRO D 223 11.31 -23.48 3.34
C PRO D 223 12.51 -23.45 2.40
N LEU D 224 12.27 -23.14 1.13
CA LEU D 224 13.35 -23.11 0.15
C LEU D 224 14.09 -21.77 0.02
N LEU D 225 13.64 -20.75 0.74
CA LEU D 225 14.28 -19.44 0.66
C LEU D 225 15.60 -19.55 1.42
N GLY D 226 16.72 -19.36 0.74
CA GLY D 226 18.00 -19.48 1.43
C GLY D 226 18.85 -18.21 1.51
N HIS D 227 18.43 -17.15 0.81
CA HIS D 227 19.15 -15.87 0.80
C HIS D 227 18.17 -14.79 0.34
N PHE D 228 18.37 -13.57 0.81
CA PHE D 228 17.45 -12.50 0.48
C PHE D 228 18.19 -11.16 0.33
N HIS D 229 17.87 -10.43 -0.74
CA HIS D 229 18.45 -9.11 -1.02
C HIS D 229 17.38 -8.04 -0.95
N THR D 230 17.76 -6.87 -0.44
CA THR D 230 16.83 -5.77 -0.30
C THR D 230 17.32 -4.47 -0.90
N GLY D 231 16.36 -3.60 -1.20
CA GLY D 231 16.64 -2.29 -1.78
C GLY D 231 15.31 -1.71 -2.22
N GLU D 232 15.22 -0.40 -2.38
CA GLU D 232 13.97 0.19 -2.85
C GLU D 232 13.84 -0.06 -4.37
N SER D 233 12.68 0.27 -4.93
CA SER D 233 12.44 0.03 -6.34
C SER D 233 13.52 0.60 -7.25
N ASN D 234 14.11 1.73 -6.85
CA ASN D 234 15.16 2.33 -7.67
C ASN D 234 16.55 2.10 -7.07
N ARG D 235 16.61 1.18 -6.13
CA ARG D 235 17.84 0.73 -5.47
C ARG D 235 18.48 1.58 -4.38
N ARG D 236 17.75 2.51 -3.78
CA ARG D 236 18.43 3.19 -2.69
C ARG D 236 18.23 2.27 -1.46
N VAL D 237 18.81 2.66 -0.32
CA VAL D 237 18.71 1.82 0.87
C VAL D 237 17.30 1.65 1.42
N PRO D 238 17.01 0.47 2.00
CA PRO D 238 15.69 0.17 2.57
C PRO D 238 15.23 1.25 3.55
N GLY D 239 13.97 1.65 3.43
CA GLY D 239 13.45 2.67 4.32
C GLY D 239 13.40 4.06 3.68
N LYS D 240 14.06 4.23 2.54
CA LYS D 240 14.01 5.52 1.85
C LYS D 240 12.76 5.60 0.99
N GLY D 241 12.18 4.44 0.67
CA GLY D 241 11.02 4.46 -0.22
C GLY D 241 9.73 3.77 0.12
N ARG D 242 8.94 3.53 -0.94
CA ARG D 242 7.61 2.95 -0.86
C ARG D 242 7.46 1.43 -0.84
N PRO D 244 6.83 -2.29 0.31
CA PRO D 244 5.96 -2.72 1.43
C PRO D 244 6.80 -3.49 2.46
N TRP D 245 7.62 -2.78 3.22
CA TRP D 245 8.49 -3.44 4.19
C TRP D 245 7.73 -4.20 5.27
N HIS D 246 6.61 -3.64 5.73
CA HIS D 246 5.83 -4.31 6.76
C HIS D 246 5.31 -5.65 6.23
N GLU D 247 4.78 -5.66 5.01
CA GLU D 247 4.29 -6.91 4.43
C GLU D 247 5.44 -7.92 4.25
N ILE D 248 6.61 -7.42 3.84
CA ILE D 248 7.76 -8.29 3.62
C ILE D 248 8.23 -8.90 4.94
N GLY D 249 8.36 -8.08 5.99
CA GLY D 249 8.80 -8.59 7.28
C GLY D 249 7.87 -9.67 7.80
N LEU D 250 6.57 -9.42 7.64
CA LEU D 250 5.55 -10.36 8.08
C LEU D 250 5.68 -11.71 7.35
N ALA D 251 5.92 -11.67 6.04
CA ALA D 251 6.05 -12.92 5.28
C ALA D 251 7.32 -13.67 5.66
N LEU D 252 8.41 -12.93 5.85
CA LEU D 252 9.67 -13.53 6.23
C LEU D 252 9.49 -14.30 7.55
N ARG D 253 8.80 -13.66 8.50
CA ARG D 253 8.56 -14.30 9.80
C ARG D 253 7.60 -15.46 9.62
N ASP D 254 6.63 -15.30 8.73
CA ASP D 254 5.66 -16.36 8.48
C ASP D 254 6.37 -17.66 8.12
N ILE D 255 7.41 -17.55 7.29
CA ILE D 255 8.15 -18.73 6.86
C ILE D 255 9.33 -19.00 7.78
N ASN D 256 9.35 -18.34 8.94
CA ASN D 256 10.43 -18.52 9.90
C ASN D 256 11.79 -18.34 9.25
N TYR D 257 11.91 -17.36 8.35
CA TYR D 257 13.19 -17.14 7.69
C TYR D 257 14.25 -16.74 8.69
N THR D 258 15.31 -17.50 8.72
CA THR D 258 16.38 -17.19 9.65
C THR D 258 17.69 -17.03 8.89
N GLY D 259 17.58 -16.76 7.59
CA GLY D 259 18.76 -16.57 6.76
C GLY D 259 19.24 -15.12 6.78
N ALA D 260 20.07 -14.77 5.81
CA ALA D 260 20.62 -13.42 5.73
C ALA D 260 19.74 -12.47 4.93
N VAL D 261 19.70 -11.22 5.35
CA VAL D 261 18.98 -10.15 4.66
C VAL D 261 20.08 -9.14 4.27
N ILE D 262 20.47 -9.13 3.00
CA ILE D 262 21.54 -8.25 2.52
C ILE D 262 21.00 -7.07 1.71
N GLU D 264 21.32 -4.26 -0.90
CA GLU D 264 22.19 -4.17 -2.08
C GLU D 264 21.87 -2.86 -2.80
N PRO D 265 22.21 -1.72 -2.16
CA PRO D 265 21.96 -0.39 -2.71
C PRO D 265 22.98 0.04 -3.75
N PHE D 266 22.50 0.71 -4.80
CA PHE D 266 23.36 1.23 -5.86
C PHE D 266 22.80 2.61 -6.14
N VAL D 267 23.44 3.63 -5.59
CA VAL D 267 22.96 4.99 -5.73
C VAL D 267 23.96 5.98 -6.33
N LYS D 268 25.11 5.47 -6.78
CA LYS D 268 26.15 6.32 -7.36
C LYS D 268 26.38 6.09 -8.86
N THR D 269 26.38 7.17 -9.63
CA THR D 269 26.61 7.09 -11.08
C THR D 269 28.11 6.96 -11.34
N GLY D 270 28.46 6.58 -12.56
CA GLY D 270 29.87 6.47 -12.92
C GLY D 270 30.55 5.12 -12.71
N GLY D 271 31.65 4.93 -13.42
CA GLY D 271 32.41 3.69 -13.30
C GLY D 271 31.69 2.48 -13.85
N THR D 272 32.35 1.32 -13.81
CA THR D 272 31.75 0.11 -14.33
C THR D 272 30.48 -0.28 -13.56
N ILE D 273 30.39 0.09 -12.29
CA ILE D 273 29.19 -0.27 -11.55
C ILE D 273 28.04 0.58 -12.04
N GLY D 274 28.27 1.89 -12.11
CA GLY D 274 27.24 2.80 -12.59
C GLY D 274 26.66 2.39 -13.93
N SER D 275 27.49 1.97 -14.87
CA SER D 275 26.98 1.58 -16.17
C SER D 275 26.35 0.17 -16.16
N ASP D 276 26.94 -0.77 -15.44
CA ASP D 276 26.37 -2.12 -15.38
C ASP D 276 25.03 -2.17 -14.66
N ILE D 277 24.89 -1.42 -13.57
CA ILE D 277 23.63 -1.37 -12.81
C ILE D 277 22.68 -0.31 -13.37
N LYS D 278 23.16 0.40 -14.38
CA LYS D 278 22.39 1.43 -15.04
C LYS D 278 21.88 2.50 -14.08
N VAL D 279 22.82 3.03 -13.29
CA VAL D 279 22.51 4.11 -12.36
C VAL D 279 22.82 5.35 -13.19
N TRP D 280 21.82 5.84 -13.90
CA TRP D 280 22.02 7.01 -14.76
C TRP D 280 21.96 8.35 -14.04
N ARG D 281 21.48 8.36 -12.81
CA ARG D 281 21.39 9.60 -12.03
C ARG D 281 21.76 9.32 -10.58
N ASP D 282 22.24 10.32 -9.87
CA ASP D 282 22.61 10.11 -8.49
C ASP D 282 21.36 9.91 -7.64
N LEU D 283 21.36 8.92 -6.77
CA LEU D 283 20.23 8.71 -5.89
C LEU D 283 20.66 8.77 -4.43
N SER D 284 21.86 9.29 -4.19
CA SER D 284 22.43 9.42 -2.85
C SER D 284 22.30 10.83 -2.29
N GLY D 285 21.79 11.74 -3.11
CA GLY D 285 21.65 13.12 -2.69
C GLY D 285 23.02 13.78 -2.56
N GLY D 286 23.94 13.40 -3.44
CA GLY D 286 25.28 13.98 -3.40
C GLY D 286 26.06 13.62 -2.15
N ALA D 287 25.68 12.54 -1.49
CA ALA D 287 26.33 12.08 -0.27
C ALA D 287 27.83 11.84 -0.32
N ASP D 288 28.53 12.25 0.72
CA ASP D 288 29.96 11.99 0.81
C ASP D 288 30.02 10.64 1.54
N ILE D 289 31.21 10.09 1.71
CA ILE D 289 31.31 8.78 2.36
C ILE D 289 30.63 8.75 3.73
N ALA D 290 30.80 9.81 4.50
CA ALA D 290 30.18 9.88 5.81
C ALA D 290 28.66 9.80 5.70
N LYS D 291 28.10 10.39 4.66
CA LYS D 291 26.66 10.34 4.51
C LYS D 291 26.23 8.93 4.04
N ASP D 293 27.61 6.17 4.83
CA ASP D 293 27.66 5.35 6.04
C ASP D 293 26.39 5.56 6.88
N GLU D 294 25.99 6.83 7.02
CA GLU D 294 24.81 7.16 7.80
C GLU D 294 23.54 6.53 7.19
N ASP D 295 23.41 6.57 5.86
CA ASP D 295 22.23 5.98 5.23
C ASP D 295 22.19 4.47 5.51
N ALA D 296 23.34 3.83 5.40
CA ALA D 296 23.43 2.40 5.64
C ALA D 296 23.11 2.10 7.10
N ARG D 297 23.62 2.93 8.00
CA ARG D 297 23.35 2.73 9.41
C ARG D 297 21.85 2.87 9.71
N ASN D 298 21.22 3.89 9.14
CA ASN D 298 19.80 4.10 9.39
C ASN D 298 18.96 3.00 8.72
N ALA D 299 19.36 2.58 7.52
CA ALA D 299 18.64 1.51 6.83
C ALA D 299 18.77 0.21 7.65
N LEU D 300 19.93 0.01 8.27
CA LEU D 300 20.16 -1.20 9.08
C LEU D 300 19.18 -1.23 10.26
N ALA D 301 19.11 -0.12 11.00
CA ALA D 301 18.22 -0.03 12.14
C ALA D 301 16.77 -0.19 11.67
N PHE D 302 16.43 0.44 10.54
CA PHE D 302 15.09 0.31 9.99
C PHE D 302 14.78 -1.15 9.64
N SER D 303 15.73 -1.84 9.02
CA SER D 303 15.51 -3.25 8.63
C SER D 303 15.34 -4.15 9.85
N ARG D 304 16.16 -3.92 10.87
CA ARG D 304 16.07 -4.73 12.08
C ARG D 304 14.73 -4.51 12.76
N PHE D 305 14.26 -3.27 12.76
CA PHE D 305 12.99 -2.93 13.40
C PHE D 305 11.76 -3.41 12.62
N VAL D 306 11.78 -3.27 11.29
CA VAL D 306 10.62 -3.65 10.50
C VAL D 306 10.59 -5.11 10.04
N LEU D 307 11.74 -5.65 9.67
CA LEU D 307 11.83 -7.03 9.20
C LEU D 307 12.08 -8.07 10.30
N GLY D 308 13.02 -7.79 11.20
CA GLY D 308 13.32 -8.75 12.25
C GLY D 308 14.82 -8.81 12.50
N GLY D 309 15.21 -9.63 13.46
CA GLY D 309 16.63 -9.74 13.80
C GLY D 309 17.06 -8.75 14.89
#